data_3S64
# 
_entry.id   3S64 
# 
_audit_conform.dict_name       mmcif_pdbx.dic 
_audit_conform.dict_version    5.398 
_audit_conform.dict_location   http://mmcif.pdb.org/dictionaries/ascii/mmcif_pdbx.dic 
# 
loop_
_database_2.database_id 
_database_2.database_code 
_database_2.pdbx_database_accession 
_database_2.pdbx_DOI 
PDB   3S64         pdb_00003s64 10.2210/pdb3s64/pdb 
RCSB  RCSB065808   ?            ?                   
WWPDB D_1000065808 ?            ?                   
# 
loop_
_pdbx_audit_revision_history.ordinal 
_pdbx_audit_revision_history.data_content_type 
_pdbx_audit_revision_history.major_revision 
_pdbx_audit_revision_history.minor_revision 
_pdbx_audit_revision_history.revision_date 
1 'Structure model' 1 0 2012-01-18 
2 'Structure model' 1 1 2024-11-06 
# 
_pdbx_audit_revision_details.ordinal             1 
_pdbx_audit_revision_details.revision_ordinal    1 
_pdbx_audit_revision_details.data_content_type   'Structure model' 
_pdbx_audit_revision_details.provider            repository 
_pdbx_audit_revision_details.type                'Initial release' 
_pdbx_audit_revision_details.description         ? 
_pdbx_audit_revision_details.details             ? 
# 
loop_
_pdbx_audit_revision_group.ordinal 
_pdbx_audit_revision_group.revision_ordinal 
_pdbx_audit_revision_group.data_content_type 
_pdbx_audit_revision_group.group 
1 2 'Structure model' 'Data collection'      
2 2 'Structure model' 'Database references'  
3 2 'Structure model' 'Derived calculations' 
4 2 'Structure model' 'Structure summary'    
# 
loop_
_pdbx_audit_revision_category.ordinal 
_pdbx_audit_revision_category.revision_ordinal 
_pdbx_audit_revision_category.data_content_type 
_pdbx_audit_revision_category.category 
1 2 'Structure model' chem_comp_atom            
2 2 'Structure model' chem_comp_bond            
3 2 'Structure model' database_2                
4 2 'Structure model' pdbx_entry_details        
5 2 'Structure model' pdbx_modification_feature 
6 2 'Structure model' struct_site               
# 
loop_
_pdbx_audit_revision_item.ordinal 
_pdbx_audit_revision_item.revision_ordinal 
_pdbx_audit_revision_item.data_content_type 
_pdbx_audit_revision_item.item 
1 2 'Structure model' '_database_2.pdbx_DOI'                
2 2 'Structure model' '_database_2.pdbx_database_accession' 
3 2 'Structure model' '_struct_site.pdbx_auth_asym_id'      
4 2 'Structure model' '_struct_site.pdbx_auth_comp_id'      
5 2 'Structure model' '_struct_site.pdbx_auth_seq_id'       
# 
_pdbx_database_status.status_code                     REL 
_pdbx_database_status.entry_id                        3S64 
_pdbx_database_status.recvd_initial_deposition_date   2011-05-25 
_pdbx_database_status.deposit_site                    RCSB 
_pdbx_database_status.process_site                    PDBJ 
_pdbx_database_status.status_code_sf                  REL 
_pdbx_database_status.status_code_mr                  ? 
_pdbx_database_status.SG_entry                        ? 
_pdbx_database_status.status_code_cs                  ? 
_pdbx_database_status.pdb_format_compatible           Y 
_pdbx_database_status.status_code_nmr_data            ? 
_pdbx_database_status.methods_development_category    ? 
# 
_pdbx_database_related.db_name        PDB 
_pdbx_database_related.db_id          3S63 
_pdbx_database_related.details        . 
_pdbx_database_related.content_type   unspecified 
# 
loop_
_audit_author.name 
_audit_author.pdbx_ordinal 
'Willis, C.'             1  
'Wang, C.K.'             2  
'Osman, A.'              3  
'Simon, A.'              4  
'Mulvenna, J.'           5  
'Pickering, D.'          6  
'Riboldi-Tunicliffe, A.' 7  
'Jones, M.K.'            8  
'Loukas, A.'             9  
'Hofmann, A.'            10 
# 
_citation.id                        primary 
_citation.title                     
'Insights into the membrane interactions of the saposin-like proteins Na-SLP-1 and Ac-SLP-1 from human and dog hookworm.' 
_citation.journal_abbrev            'Plos One' 
_citation.journal_volume            6 
_citation.page_first                e25369 
_citation.page_last                 e25369 
_citation.year                      2011 
_citation.journal_id_ASTM           ? 
_citation.country                   US 
_citation.journal_id_ISSN           1932-6203 
_citation.journal_id_CSD            ? 
_citation.book_publisher            ? 
_citation.pdbx_database_id_PubMed   21991310 
_citation.pdbx_database_id_DOI      10.1371/journal.pone.0025369 
# 
loop_
_citation_author.citation_id 
_citation_author.name 
_citation_author.ordinal 
_citation_author.identifier_ORCID 
primary 'Willis, C.'             1  ? 
primary 'Wang, C.K.'             2  ? 
primary 'Osman, A.'              3  ? 
primary 'Simon, A.'              4  ? 
primary 'Pickering, D.'          5  ? 
primary 'Mulvenna, J.'           6  ? 
primary 'Riboldi-Tunicliffe, A.' 7  ? 
primary 'Jones, M.K.'            8  ? 
primary 'Loukas, A.'             9  ? 
primary 'Hofmann, A.'            10 ? 
# 
loop_
_entity.id 
_entity.type 
_entity.src_method 
_entity.pdbx_description 
_entity.formula_weight 
_entity.pdbx_number_of_molecules 
_entity.pdbx_ec 
_entity.pdbx_mutation 
_entity.pdbx_fragment 
_entity.details 
1 polymer     man 'Saposin-like protein 1'                              9544.258 1  ? ? 'UNP RESIDUES 18-104' ? 
2 non-polymer syn 'CITRIC ACID'                                         192.124  1  ? ? ?                     ? 
3 non-polymer syn '4-(2-HYDROXYETHYL)-1-PIPERAZINE ETHANESULFONIC ACID' 238.305  1  ? ? ?                     ? 
4 water       nat water                                                 18.015   32 ? ? ?                     ? 
# 
_entity_name_com.entity_id   1 
_entity_name_com.name        Ac-SLP-1 
# 
_entity_poly.entity_id                      1 
_entity_poly.type                           'polypeptide(L)' 
_entity_poly.nstd_linkage                   no 
_entity_poly.nstd_monomer                   no 
_entity_poly.pdbx_seq_one_letter_code       
;TPVVINNSNVIVCEICKMAVKLIVPEADKDLDQLEKEFIQGCMTLIGWLPYAEKECKALAKIEMGAIKTLLENGSAPEEI
CTTLHAC
;
_entity_poly.pdbx_seq_one_letter_code_can   
;TPVVINNSNVIVCEICKMAVKLIVPEADKDLDQLEKEFIQGCMTLIGWLPYAEKECKALAKIEMGAIKTLLENGSAPEEI
CTTLHAC
;
_entity_poly.pdbx_strand_id                 A 
_entity_poly.pdbx_target_identifier         ? 
# 
loop_
_pdbx_entity_nonpoly.entity_id 
_pdbx_entity_nonpoly.name 
_pdbx_entity_nonpoly.comp_id 
2 'CITRIC ACID'                                         CIT 
3 '4-(2-HYDROXYETHYL)-1-PIPERAZINE ETHANESULFONIC ACID' EPE 
4 water                                                 HOH 
# 
loop_
_entity_poly_seq.entity_id 
_entity_poly_seq.num 
_entity_poly_seq.mon_id 
_entity_poly_seq.hetero 
1 1  THR n 
1 2  PRO n 
1 3  VAL n 
1 4  VAL n 
1 5  ILE n 
1 6  ASN n 
1 7  ASN n 
1 8  SER n 
1 9  ASN n 
1 10 VAL n 
1 11 ILE n 
1 12 VAL n 
1 13 CYS n 
1 14 GLU n 
1 15 ILE n 
1 16 CYS n 
1 17 LYS n 
1 18 MET n 
1 19 ALA n 
1 20 VAL n 
1 21 LYS n 
1 22 LEU n 
1 23 ILE n 
1 24 VAL n 
1 25 PRO n 
1 26 GLU n 
1 27 ALA n 
1 28 ASP n 
1 29 LYS n 
1 30 ASP n 
1 31 LEU n 
1 32 ASP n 
1 33 GLN n 
1 34 LEU n 
1 35 GLU n 
1 36 LYS n 
1 37 GLU n 
1 38 PHE n 
1 39 ILE n 
1 40 GLN n 
1 41 GLY n 
1 42 CYS n 
1 43 MET n 
1 44 THR n 
1 45 LEU n 
1 46 ILE n 
1 47 GLY n 
1 48 TRP n 
1 49 LEU n 
1 50 PRO n 
1 51 TYR n 
1 52 ALA n 
1 53 GLU n 
1 54 LYS n 
1 55 GLU n 
1 56 CYS n 
1 57 LYS n 
1 58 ALA n 
1 59 LEU n 
1 60 ALA n 
1 61 LYS n 
1 62 ILE n 
1 63 GLU n 
1 64 MET n 
1 65 GLY n 
1 66 ALA n 
1 67 ILE n 
1 68 LYS n 
1 69 THR n 
1 70 LEU n 
1 71 LEU n 
1 72 GLU n 
1 73 ASN n 
1 74 GLY n 
1 75 SER n 
1 76 ALA n 
1 77 PRO n 
1 78 GLU n 
1 79 GLU n 
1 80 ILE n 
1 81 CYS n 
1 82 THR n 
1 83 THR n 
1 84 LEU n 
1 85 HIS n 
1 86 ALA n 
1 87 CYS n 
# 
_entity_src_gen.entity_id                          1 
_entity_src_gen.pdbx_src_id                        1 
_entity_src_gen.pdbx_alt_source_flag               sample 
_entity_src_gen.pdbx_seq_type                      ? 
_entity_src_gen.pdbx_beg_seq_num                   ? 
_entity_src_gen.pdbx_end_seq_num                   ? 
_entity_src_gen.gene_src_common_name               'Dog hookworm' 
_entity_src_gen.gene_src_genus                     ? 
_entity_src_gen.pdbx_gene_src_gene                 SLP1 
_entity_src_gen.gene_src_species                   ? 
_entity_src_gen.gene_src_strain                    ? 
_entity_src_gen.gene_src_tissue                    ? 
_entity_src_gen.gene_src_tissue_fraction           ? 
_entity_src_gen.gene_src_details                   ? 
_entity_src_gen.pdbx_gene_src_fragment             ? 
_entity_src_gen.pdbx_gene_src_scientific_name      'Ancylostoma caninum' 
_entity_src_gen.pdbx_gene_src_ncbi_taxonomy_id     29170 
_entity_src_gen.pdbx_gene_src_variant              ? 
_entity_src_gen.pdbx_gene_src_cell_line            ? 
_entity_src_gen.pdbx_gene_src_atcc                 ? 
_entity_src_gen.pdbx_gene_src_organ                ? 
_entity_src_gen.pdbx_gene_src_organelle            ? 
_entity_src_gen.pdbx_gene_src_cell                 ? 
_entity_src_gen.pdbx_gene_src_cellular_location    ? 
_entity_src_gen.host_org_common_name               ? 
_entity_src_gen.pdbx_host_org_scientific_name      'Pichia pastoris' 
_entity_src_gen.pdbx_host_org_ncbi_taxonomy_id     4922 
_entity_src_gen.host_org_genus                     ? 
_entity_src_gen.pdbx_host_org_gene                 ? 
_entity_src_gen.pdbx_host_org_organ                ? 
_entity_src_gen.host_org_species                   ? 
_entity_src_gen.pdbx_host_org_tissue               ? 
_entity_src_gen.pdbx_host_org_tissue_fraction      ? 
_entity_src_gen.pdbx_host_org_strain               ? 
_entity_src_gen.pdbx_host_org_variant              ? 
_entity_src_gen.pdbx_host_org_cell_line            ? 
_entity_src_gen.pdbx_host_org_atcc                 ? 
_entity_src_gen.pdbx_host_org_culture_collection   ? 
_entity_src_gen.pdbx_host_org_cell                 ? 
_entity_src_gen.pdbx_host_org_organelle            ? 
_entity_src_gen.pdbx_host_org_cellular_location    ? 
_entity_src_gen.pdbx_host_org_vector_type          ? 
_entity_src_gen.pdbx_host_org_vector               ? 
_entity_src_gen.host_org_details                   ? 
_entity_src_gen.expression_system_id               ? 
_entity_src_gen.plasmid_name                       ? 
_entity_src_gen.plasmid_details                    ? 
_entity_src_gen.pdbx_description                   ? 
# 
loop_
_chem_comp.id 
_chem_comp.type 
_chem_comp.mon_nstd_flag 
_chem_comp.name 
_chem_comp.pdbx_synonyms 
_chem_comp.formula 
_chem_comp.formula_weight 
ALA 'L-peptide linking' y ALANINE                                               ?     'C3 H7 N O2'     89.093  
ASN 'L-peptide linking' y ASPARAGINE                                            ?     'C4 H8 N2 O3'    132.118 
ASP 'L-peptide linking' y 'ASPARTIC ACID'                                       ?     'C4 H7 N O4'     133.103 
CIT non-polymer         . 'CITRIC ACID'                                         ?     'C6 H8 O7'       192.124 
CYS 'L-peptide linking' y CYSTEINE                                              ?     'C3 H7 N O2 S'   121.158 
EPE non-polymer         . '4-(2-HYDROXYETHYL)-1-PIPERAZINE ETHANESULFONIC ACID' HEPES 'C8 H18 N2 O4 S' 238.305 
GLN 'L-peptide linking' y GLUTAMINE                                             ?     'C5 H10 N2 O3'   146.144 
GLU 'L-peptide linking' y 'GLUTAMIC ACID'                                       ?     'C5 H9 N O4'     147.129 
GLY 'peptide linking'   y GLYCINE                                               ?     'C2 H5 N O2'     75.067  
HIS 'L-peptide linking' y HISTIDINE                                             ?     'C6 H10 N3 O2 1' 156.162 
HOH non-polymer         . WATER                                                 ?     'H2 O'           18.015  
ILE 'L-peptide linking' y ISOLEUCINE                                            ?     'C6 H13 N O2'    131.173 
LEU 'L-peptide linking' y LEUCINE                                               ?     'C6 H13 N O2'    131.173 
LYS 'L-peptide linking' y LYSINE                                                ?     'C6 H15 N2 O2 1' 147.195 
MET 'L-peptide linking' y METHIONINE                                            ?     'C5 H11 N O2 S'  149.211 
PHE 'L-peptide linking' y PHENYLALANINE                                         ?     'C9 H11 N O2'    165.189 
PRO 'L-peptide linking' y PROLINE                                               ?     'C5 H9 N O2'     115.130 
SER 'L-peptide linking' y SERINE                                                ?     'C3 H7 N O3'     105.093 
THR 'L-peptide linking' y THREONINE                                             ?     'C4 H9 N O3'     119.119 
TRP 'L-peptide linking' y TRYPTOPHAN                                            ?     'C11 H12 N2 O2'  204.225 
TYR 'L-peptide linking' y TYROSINE                                              ?     'C9 H11 N O3'    181.189 
VAL 'L-peptide linking' y VALINE                                                ?     'C5 H11 N O2'    117.146 
# 
loop_
_pdbx_poly_seq_scheme.asym_id 
_pdbx_poly_seq_scheme.entity_id 
_pdbx_poly_seq_scheme.seq_id 
_pdbx_poly_seq_scheme.mon_id 
_pdbx_poly_seq_scheme.ndb_seq_num 
_pdbx_poly_seq_scheme.pdb_seq_num 
_pdbx_poly_seq_scheme.auth_seq_num 
_pdbx_poly_seq_scheme.pdb_mon_id 
_pdbx_poly_seq_scheme.auth_mon_id 
_pdbx_poly_seq_scheme.pdb_strand_id 
_pdbx_poly_seq_scheme.pdb_ins_code 
_pdbx_poly_seq_scheme.hetero 
A 1 1  THR 1  1  ?  ?   ?   A . n 
A 1 2  PRO 2  2  ?  ?   ?   A . n 
A 1 3  VAL 3  3  ?  ?   ?   A . n 
A 1 4  VAL 4  4  ?  ?   ?   A . n 
A 1 5  ILE 5  5  ?  ?   ?   A . n 
A 1 6  ASN 6  6  ?  ?   ?   A . n 
A 1 7  ASN 7  7  7  ASN ASN A . n 
A 1 8  SER 8  8  8  SER SER A . n 
A 1 9  ASN 9  9  9  ASN ASN A . n 
A 1 10 VAL 10 10 10 VAL VAL A . n 
A 1 11 ILE 11 11 11 ILE ILE A . n 
A 1 12 VAL 12 12 12 VAL VAL A . n 
A 1 13 CYS 13 13 13 CYS CYS A . n 
A 1 14 GLU 14 14 14 GLU GLU A . n 
A 1 15 ILE 15 15 15 ILE ILE A . n 
A 1 16 CYS 16 16 16 CYS CYS A . n 
A 1 17 LYS 17 17 17 LYS LYS A . n 
A 1 18 MET 18 18 18 MET MET A . n 
A 1 19 ALA 19 19 19 ALA ALA A . n 
A 1 20 VAL 20 20 20 VAL VAL A . n 
A 1 21 LYS 21 21 21 LYS LYS A . n 
A 1 22 LEU 22 22 22 LEU LEU A . n 
A 1 23 ILE 23 23 23 ILE ILE A . n 
A 1 24 VAL 24 24 24 VAL VAL A . n 
A 1 25 PRO 25 25 25 PRO PRO A . n 
A 1 26 GLU 26 26 26 GLU GLU A . n 
A 1 27 ALA 27 27 27 ALA ALA A . n 
A 1 28 ASP 28 28 28 ASP ASP A . n 
A 1 29 LYS 29 29 29 LYS LYS A . n 
A 1 30 ASP 30 30 30 ASP ALA A . n 
A 1 31 LEU 31 31 31 LEU LEU A . n 
A 1 32 ASP 32 32 32 ASP ASP A . n 
A 1 33 GLN 33 33 33 GLN ALA A . n 
A 1 34 LEU 34 34 34 LEU LEU A . n 
A 1 35 GLU 35 35 35 GLU GLU A . n 
A 1 36 LYS 36 36 36 LYS ALA A . n 
A 1 37 GLU 37 37 37 GLU GLU A . n 
A 1 38 PHE 38 38 38 PHE PHE A . n 
A 1 39 ILE 39 39 39 ILE ILE A . n 
A 1 40 GLN 40 40 40 GLN GLN A . n 
A 1 41 GLY 41 41 41 GLY GLY A . n 
A 1 42 CYS 42 42 42 CYS CYS A . n 
A 1 43 MET 43 43 43 MET MET A . n 
A 1 44 THR 44 44 44 THR THR A . n 
A 1 45 LEU 45 45 45 LEU LEU A . n 
A 1 46 ILE 46 46 46 ILE ILE A . n 
A 1 47 GLY 47 47 47 GLY GLY A . n 
A 1 48 TRP 48 48 48 TRP TRP A . n 
A 1 49 LEU 49 49 49 LEU LEU A . n 
A 1 50 PRO 50 50 50 PRO PRO A . n 
A 1 51 TYR 51 51 51 TYR TYR A . n 
A 1 52 ALA 52 52 52 ALA ALA A . n 
A 1 53 GLU 53 53 53 GLU GLU A . n 
A 1 54 LYS 54 54 54 LYS LYS A . n 
A 1 55 GLU 55 55 55 GLU GLU A . n 
A 1 56 CYS 56 56 56 CYS CYS A . n 
A 1 57 LYS 57 57 57 LYS LYS A . n 
A 1 58 ALA 58 58 58 ALA ALA A . n 
A 1 59 LEU 59 59 59 LEU LEU A . n 
A 1 60 ALA 60 60 60 ALA ALA A . n 
A 1 61 LYS 61 61 61 LYS LYS A . n 
A 1 62 ILE 62 62 62 ILE ILE A . n 
A 1 63 GLU 63 63 63 GLU GLU A . n 
A 1 64 MET 64 64 64 MET MET A . n 
A 1 65 GLY 65 65 65 GLY GLY A . n 
A 1 66 ALA 66 66 66 ALA ALA A . n 
A 1 67 ILE 67 67 67 ILE ILE A . n 
A 1 68 LYS 68 68 68 LYS LYS A . n 
A 1 69 THR 69 69 69 THR THR A . n 
A 1 70 LEU 70 70 70 LEU LEU A . n 
A 1 71 LEU 71 71 71 LEU LEU A . n 
A 1 72 GLU 72 72 72 GLU GLU A . n 
A 1 73 ASN 73 73 73 ASN ASN A . n 
A 1 74 GLY 74 74 74 GLY GLY A . n 
A 1 75 SER 75 75 75 SER SER A . n 
A 1 76 ALA 76 76 76 ALA ALA A . n 
A 1 77 PRO 77 77 77 PRO PRO A . n 
A 1 78 GLU 78 78 78 GLU GLU A . n 
A 1 79 GLU 79 79 79 GLU GLU A . n 
A 1 80 ILE 80 80 80 ILE ILE A . n 
A 1 81 CYS 81 81 81 CYS CYS A . n 
A 1 82 THR 82 82 82 THR THR A . n 
A 1 83 THR 83 83 83 THR THR A . n 
A 1 84 LEU 84 84 84 LEU LEU A . n 
A 1 85 HIS 85 85 85 HIS HIS A . n 
A 1 86 ALA 86 86 86 ALA ALA A . n 
A 1 87 CYS 87 87 87 CYS CYS A . n 
# 
loop_
_pdbx_nonpoly_scheme.asym_id 
_pdbx_nonpoly_scheme.entity_id 
_pdbx_nonpoly_scheme.mon_id 
_pdbx_nonpoly_scheme.ndb_seq_num 
_pdbx_nonpoly_scheme.pdb_seq_num 
_pdbx_nonpoly_scheme.auth_seq_num 
_pdbx_nonpoly_scheme.pdb_mon_id 
_pdbx_nonpoly_scheme.auth_mon_id 
_pdbx_nonpoly_scheme.pdb_strand_id 
_pdbx_nonpoly_scheme.pdb_ins_code 
B 2 CIT 1  100 100 CIT CIT A . 
C 3 EPE 1  101 101 EPE HEP A . 
D 4 HOH 1  200 200 HOH HOH A . 
D 4 HOH 2  201 201 HOH HOH A . 
D 4 HOH 3  202 202 HOH HOH A . 
D 4 HOH 4  203 203 HOH HOH A . 
D 4 HOH 5  204 204 HOH HOH A . 
D 4 HOH 6  205 205 HOH HOH A . 
D 4 HOH 7  206 206 HOH HOH A . 
D 4 HOH 8  207 207 HOH HOH A . 
D 4 HOH 9  208 208 HOH HOH A . 
D 4 HOH 10 209 209 HOH HOH A . 
D 4 HOH 11 210 210 HOH HOH A . 
D 4 HOH 12 211 211 HOH HOH A . 
D 4 HOH 13 212 212 HOH HOH A . 
D 4 HOH 14 213 213 HOH HOH A . 
D 4 HOH 15 214 214 HOH HOH A . 
D 4 HOH 16 215 215 HOH HOH A . 
D 4 HOH 17 216 216 HOH HOH A . 
D 4 HOH 18 217 217 HOH HOH A . 
D 4 HOH 19 218 218 HOH HOH A . 
D 4 HOH 20 219 219 HOH HOH A . 
D 4 HOH 21 220 220 HOH HOH A . 
D 4 HOH 22 221 221 HOH HOH A . 
D 4 HOH 23 222 222 HOH HOH A . 
D 4 HOH 24 223 223 HOH HOH A . 
D 4 HOH 25 224 224 HOH HOH A . 
D 4 HOH 26 225 225 HOH HOH A . 
D 4 HOH 27 226 226 HOH HOH A . 
D 4 HOH 28 227 227 HOH HOH A . 
D 4 HOH 29 228 228 HOH HOH A . 
D 4 HOH 30 229 229 HOH HOH A . 
D 4 HOH 31 230 230 HOH HOH A . 
D 4 HOH 32 231 231 HOH HOH A . 
# 
loop_
_pdbx_unobs_or_zero_occ_atoms.id 
_pdbx_unobs_or_zero_occ_atoms.PDB_model_num 
_pdbx_unobs_or_zero_occ_atoms.polymer_flag 
_pdbx_unobs_or_zero_occ_atoms.occupancy_flag 
_pdbx_unobs_or_zero_occ_atoms.auth_asym_id 
_pdbx_unobs_or_zero_occ_atoms.auth_comp_id 
_pdbx_unobs_or_zero_occ_atoms.auth_seq_id 
_pdbx_unobs_or_zero_occ_atoms.PDB_ins_code 
_pdbx_unobs_or_zero_occ_atoms.auth_atom_id 
_pdbx_unobs_or_zero_occ_atoms.label_alt_id 
_pdbx_unobs_or_zero_occ_atoms.label_asym_id 
_pdbx_unobs_or_zero_occ_atoms.label_comp_id 
_pdbx_unobs_or_zero_occ_atoms.label_seq_id 
_pdbx_unobs_or_zero_occ_atoms.label_atom_id 
1  1 Y 1 A ASP 30 ? CG  ? A ASP 30 CG  
2  1 Y 1 A ASP 30 ? OD1 ? A ASP 30 OD1 
3  1 Y 1 A ASP 30 ? OD2 ? A ASP 30 OD2 
4  1 Y 1 A GLN 33 ? CG  ? A GLN 33 CG  
5  1 Y 1 A GLN 33 ? CD  ? A GLN 33 CD  
6  1 Y 1 A GLN 33 ? OE1 ? A GLN 33 OE1 
7  1 Y 1 A GLN 33 ? NE2 ? A GLN 33 NE2 
8  1 Y 1 A LYS 36 ? CG  ? A LYS 36 CG  
9  1 Y 1 A LYS 36 ? CD  ? A LYS 36 CD  
10 1 Y 1 A LYS 36 ? CE  ? A LYS 36 CE  
11 1 Y 1 A LYS 36 ? NZ  ? A LYS 36 NZ  
# 
loop_
_software.name 
_software.classification 
_software.version 
_software.citation_id 
_software.pdbx_ordinal 
ADSC   'data collection' Quantum                      ? 1 
SHARP  phasing           .                            ? 2 
PHENIX refinement        '(phenix.refine: 1.6.4_486)' ? 3 
MOSFLM 'data reduction'  .                            ? 4 
SCALA  'data scaling'    .                            ? 5 
# 
_cell.entry_id           3S64 
_cell.length_a           72.053 
_cell.length_b           72.053 
_cell.length_c           90.888 
_cell.angle_alpha        90.00 
_cell.angle_beta         90.00 
_cell.angle_gamma        120.00 
_cell.Z_PDB              12 
_cell.pdbx_unique_axis   ? 
_cell.length_a_esd       ? 
_cell.length_b_esd       ? 
_cell.length_c_esd       ? 
_cell.angle_alpha_esd    ? 
_cell.angle_beta_esd     ? 
_cell.angle_gamma_esd    ? 
# 
_symmetry.entry_id                         3S64 
_symmetry.space_group_name_H-M             'P 62 2 2' 
_symmetry.pdbx_full_space_group_name_H-M   ? 
_symmetry.cell_setting                     ? 
_symmetry.Int_Tables_number                180 
_symmetry.space_group_name_Hall            ? 
# 
_exptl.entry_id          3S64 
_exptl.method            'X-RAY DIFFRACTION' 
_exptl.crystals_number   1 
# 
_exptl_crystal.id                    1 
_exptl_crystal.density_meas          ? 
_exptl_crystal.density_Matthews      3.57 
_exptl_crystal.density_percent_sol   65.53 
_exptl_crystal.description           ? 
# 
_exptl_crystal_grow.crystal_id      1 
_exptl_crystal_grow.method          'VAPOR DIFFUSION, SITTING DROP' 
_exptl_crystal_grow.temp            289 
_exptl_crystal_grow.temp_details    ? 
_exptl_crystal_grow.pH              7.8 
_exptl_crystal_grow.pdbx_details    '1.35M sodium citrate, 0.1M HEPES, pH 7.8, VAPOR DIFFUSION, SITTING DROP, temperature 289K' 
_exptl_crystal_grow.pdbx_pH_range   . 
# 
_diffrn.id                     1 
_diffrn.ambient_temp           100 
_diffrn.ambient_temp_details   ? 
_diffrn.crystal_id             1 
# 
_diffrn_detector.diffrn_id              1 
_diffrn_detector.detector               CCD 
_diffrn_detector.type                   'ADSC QUANTUM 315' 
_diffrn_detector.pdbx_collection_date   2009-11-05 
_diffrn_detector.details                ? 
# 
_diffrn_radiation.diffrn_id                        1 
_diffrn_radiation.wavelength_id                    1 
_diffrn_radiation.pdbx_monochromatic_or_laue_m_l   M 
_diffrn_radiation.monochromator                    ? 
_diffrn_radiation.pdbx_diffrn_protocol             'SINGLE WAVELENGTH' 
_diffrn_radiation.pdbx_scattering_type             x-ray 
# 
_diffrn_radiation_wavelength.id           1 
_diffrn_radiation_wavelength.wavelength   0.9536 
_diffrn_radiation_wavelength.wt           1.0 
# 
_diffrn_source.diffrn_id                   1 
_diffrn_source.source                      SYNCHROTRON 
_diffrn_source.type                        'AUSTRALIAN SYNCHROTRON BEAMLINE MX1' 
_diffrn_source.pdbx_synchrotron_site       'Australian Synchrotron' 
_diffrn_source.pdbx_synchrotron_beamline   MX1 
_diffrn_source.pdbx_wavelength             ? 
_diffrn_source.pdbx_wavelength_list        0.9536 
# 
_reflns.entry_id                     3S64 
_reflns.observed_criterion_sigma_I   ? 
_reflns.observed_criterion_sigma_F   ? 
_reflns.d_resolution_low             37 
_reflns.d_resolution_high            2.2 
_reflns.number_obs                   6649 
_reflns.number_all                   ? 
_reflns.percent_possible_obs         100 
_reflns.pdbx_Rmerge_I_obs            ? 
_reflns.pdbx_Rsym_value              ? 
_reflns.pdbx_netI_over_sigmaI        ? 
_reflns.B_iso_Wilson_estimate        49 
_reflns.pdbx_redundancy              18.7 
_reflns.R_free_details               ? 
_reflns.limit_h_max                  ? 
_reflns.limit_h_min                  ? 
_reflns.limit_k_max                  ? 
_reflns.limit_k_min                  ? 
_reflns.limit_l_max                  ? 
_reflns.limit_l_min                  ? 
_reflns.observed_criterion_F_max     ? 
_reflns.observed_criterion_F_min     ? 
_reflns.pdbx_chi_squared             ? 
_reflns.pdbx_scaling_rejects         ? 
_reflns.pdbx_ordinal                 1 
_reflns.pdbx_diffrn_id               1 
# 
_reflns_shell.d_res_high                  2.2 
_reflns_shell.d_res_low                   2.3 
_reflns_shell.percent_possible_all        100 
_reflns_shell.Rmerge_I_obs                ? 
_reflns_shell.pdbx_Rsym_value             0.461 
_reflns_shell.meanI_over_sigI_obs         ? 
_reflns_shell.pdbx_redundancy             14.9 
_reflns_shell.percent_possible_obs        ? 
_reflns_shell.number_unique_all           ? 
_reflns_shell.number_measured_all         ? 
_reflns_shell.number_measured_obs         ? 
_reflns_shell.number_unique_obs           ? 
_reflns_shell.pdbx_chi_squared            ? 
_reflns_shell.pdbx_rejects                ? 
_reflns_shell.pdbx_netI_over_sigmaI_obs   ? 
_reflns_shell.number_possible             ? 
_reflns_shell.Rmerge_F_all                ? 
_reflns_shell.Rmerge_F_obs                ? 
_reflns_shell.Rmerge_I_all                ? 
_reflns_shell.meanI_over_sigI_all         ? 
_reflns_shell.pdbx_Rrim_I_all             ? 
_reflns_shell.pdbx_Rpim_I_all             ? 
_reflns_shell.pdbx_ordinal                1 
_reflns_shell.pdbx_diffrn_id              1 
# 
_refine.entry_id                                 3S64 
_refine.ls_number_reflns_obs                     6313 
_refine.ls_number_reflns_all                     ? 
_refine.pdbx_ls_sigma_I                          ? 
_refine.pdbx_ls_sigma_F                          1.45 
_refine.pdbx_data_cutoff_high_absF               ? 
_refine.pdbx_data_cutoff_low_absF                ? 
_refine.pdbx_data_cutoff_high_rms_absF           ? 
_refine.ls_d_res_low                             23.585 
_refine.ls_d_res_high                            2.301 
_refine.ls_percent_reflns_obs                    99.87 
_refine.ls_R_factor_obs                          0.2261 
_refine.ls_R_factor_all                          ? 
_refine.ls_R_factor_R_work                       0.2249 
_refine.ls_R_factor_R_free                       0.2522 
_refine.ls_R_factor_R_free_error                 ? 
_refine.ls_R_factor_R_free_error_details         ? 
_refine.ls_percent_reflns_R_free                 4.57 
_refine.ls_number_reflns_R_free                  535 
_refine.ls_number_parameters                     ? 
_refine.ls_number_restraints                     ? 
_refine.occupancy_min                            ? 
_refine.occupancy_max                            ? 
_refine.correlation_coeff_Fo_to_Fc               ? 
_refine.correlation_coeff_Fo_to_Fc_free          ? 
_refine.B_iso_mean                               ? 
_refine.aniso_B[1][1]                            7.2479 
_refine.aniso_B[2][2]                            7.2479 
_refine.aniso_B[3][3]                            -14.4957 
_refine.aniso_B[1][2]                            -0.0000 
_refine.aniso_B[1][3]                            -0.0000 
_refine.aniso_B[2][3]                            0.0000 
_refine.solvent_model_details                    'FLAT BULK SOLVENT MODEL' 
_refine.solvent_model_param_ksol                 0.362 
_refine.solvent_model_param_bsol                 48.500 
_refine.pdbx_solvent_vdw_probe_radii             1.30 
_refine.pdbx_solvent_ion_probe_radii             ? 
_refine.pdbx_solvent_shrinkage_radii             1.06 
_refine.pdbx_ls_cross_valid_method               ? 
_refine.details                                  ? 
_refine.pdbx_starting_model                      ? 
_refine.pdbx_method_to_determine_struct          SIRAS 
_refine.pdbx_isotropic_thermal_model             ? 
_refine.pdbx_stereochemistry_target_values       ML 
_refine.pdbx_stereochem_target_val_spec_case     ? 
_refine.pdbx_R_Free_selection_details            RANDOM 
_refine.pdbx_overall_ESU_R_Free                  ? 
_refine.overall_SU_ML                            0.31 
_refine.pdbx_overall_phase_error                 25.59 
_refine.overall_SU_B                             ? 
_refine.overall_SU_R_Cruickshank_DPI             ? 
_refine.ls_redundancy_reflns_obs                 ? 
_refine.B_iso_min                                ? 
_refine.B_iso_max                                ? 
_refine.overall_SU_R_free                        ? 
_refine.pdbx_overall_ESU_R                       ? 
_refine.ls_wR_factor_R_free                      ? 
_refine.ls_wR_factor_R_work                      ? 
_refine.overall_FOM_free_R_set                   ? 
_refine.overall_FOM_work_R_set                   ? 
_refine.pdbx_diffrn_id                           1 
_refine.pdbx_refine_id                           'X-RAY DIFFRACTION' 
_refine.pdbx_TLS_residual_ADP_flag               ? 
_refine.pdbx_overall_SU_R_free_Cruickshank_DPI   ? 
_refine.pdbx_overall_SU_R_Blow_DPI               ? 
_refine.pdbx_overall_SU_R_free_Blow_DPI          ? 
# 
_refine_hist.pdbx_refine_id                   'X-RAY DIFFRACTION' 
_refine_hist.cycle_id                         LAST 
_refine_hist.pdbx_number_atoms_protein        606 
_refine_hist.pdbx_number_atoms_nucleic_acid   0 
_refine_hist.pdbx_number_atoms_ligand         28 
_refine_hist.number_atoms_solvent             32 
_refine_hist.number_atoms_total               666 
_refine_hist.d_res_high                       2.301 
_refine_hist.d_res_low                        23.585 
# 
loop_
_refine_ls_restr.type 
_refine_ls_restr.dev_ideal 
_refine_ls_restr.dev_ideal_target 
_refine_ls_restr.weight 
_refine_ls_restr.number 
_refine_ls_restr.pdbx_restraint_function 
_refine_ls_restr.pdbx_refine_id 
f_bond_d           0.008  ? ? 643 ? 'X-RAY DIFFRACTION' 
f_angle_d          1.183  ? ? 866 ? 'X-RAY DIFFRACTION' 
f_dihedral_angle_d 20.618 ? ? 258 ? 'X-RAY DIFFRACTION' 
f_chiral_restr     0.078  ? ? 102 ? 'X-RAY DIFFRACTION' 
f_plane_restr      0.004  ? ? 107 ? 'X-RAY DIFFRACTION' 
# 
loop_
_refine_ls_shell.pdbx_refine_id 
_refine_ls_shell.pdbx_total_number_of_bins_used 
_refine_ls_shell.d_res_high 
_refine_ls_shell.d_res_low 
_refine_ls_shell.number_reflns_R_work 
_refine_ls_shell.R_factor_R_work 
_refine_ls_shell.percent_reflns_obs 
_refine_ls_shell.R_factor_R_free 
_refine_ls_shell.R_factor_R_free_error 
_refine_ls_shell.percent_reflns_R_free 
_refine_ls_shell.number_reflns_R_free 
_refine_ls_shell.number_reflns_all 
_refine_ls_shell.R_factor_all 
_refine_ls_shell.number_reflns_obs 
_refine_ls_shell.redundancy_reflns_obs 
'X-RAY DIFFRACTION' 4 2.3014 2.5328  2778 0.2709 100.00 0.3402 . . 145 . . . . 
'X-RAY DIFFRACTION' 4 2.5328 2.8987  2814 0.2544 100.00 0.3216 . . 127 . . . . 
'X-RAY DIFFRACTION' 4 2.8987 3.6499  2791 0.2239 100.00 0.2878 . . 115 . . . . 
'X-RAY DIFFRACTION' 4 3.6499 23.5862 2791 0.2065 100.00 0.2079 . . 148 . . . . 
# 
_struct.entry_id                  3S64 
_struct.title                     'Saposin-like protein Ac-SLP-1' 
_struct.pdbx_model_details        ? 
_struct.pdbx_CASP_flag            ? 
_struct.pdbx_model_type_details   ? 
# 
_struct_keywords.entry_id        3S64 
_struct_keywords.pdbx_keywords   'LIPID BINDING PROTEIN' 
_struct_keywords.text            'Saposin, Lipid-binding, LIPID BINDING PROTEIN' 
# 
loop_
_struct_asym.id 
_struct_asym.pdbx_blank_PDB_chainid_flag 
_struct_asym.pdbx_modified 
_struct_asym.entity_id 
_struct_asym.details 
A N N 1 ? 
B N N 2 ? 
C N N 3 ? 
D N N 4 ? 
# 
_struct_ref.id                         1 
_struct_ref.db_name                    UNP 
_struct_ref.db_code                    Q0MRQ4_ANCCA 
_struct_ref.pdbx_db_accession          Q0MRQ4 
_struct_ref.entity_id                  1 
_struct_ref.pdbx_seq_one_letter_code   
;TPVVINNSNVIVCEICKMAVKLIVPEADKDLDQLEKEFIQGCMTLIGWLPYAEKECKALAKIEMGAIKTLLENGSAPEEI
CTTLHAC
;
_struct_ref.pdbx_align_begin           18 
_struct_ref.pdbx_db_isoform            ? 
# 
_struct_ref_seq.align_id                      1 
_struct_ref_seq.ref_id                        1 
_struct_ref_seq.pdbx_PDB_id_code              3S64 
_struct_ref_seq.pdbx_strand_id                A 
_struct_ref_seq.seq_align_beg                 1 
_struct_ref_seq.pdbx_seq_align_beg_ins_code   ? 
_struct_ref_seq.seq_align_end                 87 
_struct_ref_seq.pdbx_seq_align_end_ins_code   ? 
_struct_ref_seq.pdbx_db_accession             Q0MRQ4 
_struct_ref_seq.db_align_beg                  18 
_struct_ref_seq.pdbx_db_align_beg_ins_code    ? 
_struct_ref_seq.db_align_end                  104 
_struct_ref_seq.pdbx_db_align_end_ins_code    ? 
_struct_ref_seq.pdbx_auth_seq_align_beg       1 
_struct_ref_seq.pdbx_auth_seq_align_end       87 
# 
_pdbx_struct_assembly.id                   1 
_pdbx_struct_assembly.details              author_and_software_defined_assembly 
_pdbx_struct_assembly.method_details       PISA 
_pdbx_struct_assembly.oligomeric_details   dimeric 
_pdbx_struct_assembly.oligomeric_count     2 
# 
loop_
_pdbx_struct_assembly_prop.biol_id 
_pdbx_struct_assembly_prop.type 
_pdbx_struct_assembly_prop.value 
_pdbx_struct_assembly_prop.details 
1 'ABSA (A^2)' 1610 ? 
1 MORE         -16  ? 
1 'SSA (A^2)'  8470 ? 
# 
_pdbx_struct_assembly_gen.assembly_id       1 
_pdbx_struct_assembly_gen.oper_expression   1,2 
_pdbx_struct_assembly_gen.asym_id_list      A,B,C,D 
# 
loop_
_pdbx_struct_oper_list.id 
_pdbx_struct_oper_list.type 
_pdbx_struct_oper_list.name 
_pdbx_struct_oper_list.symmetry_operation 
_pdbx_struct_oper_list.matrix[1][1] 
_pdbx_struct_oper_list.matrix[1][2] 
_pdbx_struct_oper_list.matrix[1][3] 
_pdbx_struct_oper_list.vector[1] 
_pdbx_struct_oper_list.matrix[2][1] 
_pdbx_struct_oper_list.matrix[2][2] 
_pdbx_struct_oper_list.matrix[2][3] 
_pdbx_struct_oper_list.vector[2] 
_pdbx_struct_oper_list.matrix[3][1] 
_pdbx_struct_oper_list.matrix[3][2] 
_pdbx_struct_oper_list.matrix[3][3] 
_pdbx_struct_oper_list.vector[3] 
1 'identity operation'         1_555  x,y,z        1.0000000000  0.0000000000  0.0000000000  0.0000000000  0.0000000000  1.0000000000 0.0000000000 0.0000000000 0.0000000000  0.0000000000 1.0000000000  0.0000000000   
2 'crystal symmetry operation' 10_554 -y,-x,-z-1/3 -0.7348134540 -0.6740473397 -0.0755603844 13.6777139363 -0.6740473397 0.7132838109 0.1920582957 7.9221153387 -0.0755603844 0.1920582957 -0.9784703569 -22.6671035036 
# 
_struct_biol.id        1 
_struct_biol.details   ? 
# 
loop_
_struct_conf.conf_type_id 
_struct_conf.id 
_struct_conf.pdbx_PDB_helix_id 
_struct_conf.beg_label_comp_id 
_struct_conf.beg_label_asym_id 
_struct_conf.beg_label_seq_id 
_struct_conf.pdbx_beg_PDB_ins_code 
_struct_conf.end_label_comp_id 
_struct_conf.end_label_asym_id 
_struct_conf.end_label_seq_id 
_struct_conf.pdbx_end_PDB_ins_code 
_struct_conf.beg_auth_comp_id 
_struct_conf.beg_auth_asym_id 
_struct_conf.beg_auth_seq_id 
_struct_conf.end_auth_comp_id 
_struct_conf.end_auth_asym_id 
_struct_conf.end_auth_seq_id 
_struct_conf.pdbx_PDB_helix_class 
_struct_conf.details 
_struct_conf.pdbx_PDB_helix_length 
HELX_P HELX_P1 1 ILE A 11 ? VAL A 24 ? ILE A 11 VAL A 24 1 ? 14 
HELX_P HELX_P2 2 GLN A 33 ? GLY A 47 ? GLN A 33 GLY A 47 1 ? 15 
HELX_P HELX_P3 3 TYR A 51 ? ASN A 73 ? TYR A 51 ASN A 73 1 ? 23 
HELX_P HELX_P4 4 GLU A 79 ? ALA A 86 ? GLU A 79 ALA A 86 1 ? 8  
# 
_struct_conf_type.id          HELX_P 
_struct_conf_type.criteria    ? 
_struct_conf_type.reference   ? 
# 
loop_
_struct_conn.id 
_struct_conn.conn_type_id 
_struct_conn.pdbx_leaving_atom_flag 
_struct_conn.pdbx_PDB_id 
_struct_conn.ptnr1_label_asym_id 
_struct_conn.ptnr1_label_comp_id 
_struct_conn.ptnr1_label_seq_id 
_struct_conn.ptnr1_label_atom_id 
_struct_conn.pdbx_ptnr1_label_alt_id 
_struct_conn.pdbx_ptnr1_PDB_ins_code 
_struct_conn.pdbx_ptnr1_standard_comp_id 
_struct_conn.ptnr1_symmetry 
_struct_conn.ptnr2_label_asym_id 
_struct_conn.ptnr2_label_comp_id 
_struct_conn.ptnr2_label_seq_id 
_struct_conn.ptnr2_label_atom_id 
_struct_conn.pdbx_ptnr2_label_alt_id 
_struct_conn.pdbx_ptnr2_PDB_ins_code 
_struct_conn.ptnr1_auth_asym_id 
_struct_conn.ptnr1_auth_comp_id 
_struct_conn.ptnr1_auth_seq_id 
_struct_conn.ptnr2_auth_asym_id 
_struct_conn.ptnr2_auth_comp_id 
_struct_conn.ptnr2_auth_seq_id 
_struct_conn.ptnr2_symmetry 
_struct_conn.pdbx_ptnr3_label_atom_id 
_struct_conn.pdbx_ptnr3_label_seq_id 
_struct_conn.pdbx_ptnr3_label_comp_id 
_struct_conn.pdbx_ptnr3_label_asym_id 
_struct_conn.pdbx_ptnr3_label_alt_id 
_struct_conn.pdbx_ptnr3_PDB_ins_code 
_struct_conn.details 
_struct_conn.pdbx_dist_value 
_struct_conn.pdbx_value_order 
_struct_conn.pdbx_role 
disulf1 disulf ? ? A CYS 13 SG ? ? ? 1_555 A CYS 87 SG ? ? A CYS 13 A CYS 87 1_555 ? ? ? ? ? ? ? 2.043 ? ? 
disulf2 disulf ? ? A CYS 16 SG ? ? ? 1_555 A CYS 81 SG ? ? A CYS 16 A CYS 81 1_555 ? ? ? ? ? ? ? 2.040 ? ? 
disulf3 disulf ? ? A CYS 42 SG ? ? ? 1_555 A CYS 56 SG ? ? A CYS 42 A CYS 56 1_555 ? ? ? ? ? ? ? 2.066 ? ? 
# 
_struct_conn_type.id          disulf 
_struct_conn_type.criteria    ? 
_struct_conn_type.reference   ? 
# 
loop_
_pdbx_modification_feature.ordinal 
_pdbx_modification_feature.label_comp_id 
_pdbx_modification_feature.label_asym_id 
_pdbx_modification_feature.label_seq_id 
_pdbx_modification_feature.label_alt_id 
_pdbx_modification_feature.modified_residue_label_comp_id 
_pdbx_modification_feature.modified_residue_label_asym_id 
_pdbx_modification_feature.modified_residue_label_seq_id 
_pdbx_modification_feature.modified_residue_label_alt_id 
_pdbx_modification_feature.auth_comp_id 
_pdbx_modification_feature.auth_asym_id 
_pdbx_modification_feature.auth_seq_id 
_pdbx_modification_feature.PDB_ins_code 
_pdbx_modification_feature.symmetry 
_pdbx_modification_feature.modified_residue_auth_comp_id 
_pdbx_modification_feature.modified_residue_auth_asym_id 
_pdbx_modification_feature.modified_residue_auth_seq_id 
_pdbx_modification_feature.modified_residue_PDB_ins_code 
_pdbx_modification_feature.modified_residue_symmetry 
_pdbx_modification_feature.comp_id_linking_atom 
_pdbx_modification_feature.modified_residue_id_linking_atom 
_pdbx_modification_feature.modified_residue_id 
_pdbx_modification_feature.ref_pcm_id 
_pdbx_modification_feature.ref_comp_id 
_pdbx_modification_feature.type 
_pdbx_modification_feature.category 
1 CYS A 13 ? CYS A 87 ? CYS A 13 ? 1_555 CYS A 87 ? 1_555 SG SG . . . None 'Disulfide bridge' 
2 CYS A 16 ? CYS A 81 ? CYS A 16 ? 1_555 CYS A 81 ? 1_555 SG SG . . . None 'Disulfide bridge' 
3 CYS A 42 ? CYS A 56 ? CYS A 42 ? 1_555 CYS A 56 ? 1_555 SG SG . . . None 'Disulfide bridge' 
# 
loop_
_struct_site.id 
_struct_site.pdbx_evidence_code 
_struct_site.pdbx_auth_asym_id 
_struct_site.pdbx_auth_comp_id 
_struct_site.pdbx_auth_seq_id 
_struct_site.pdbx_auth_ins_code 
_struct_site.pdbx_num_residues 
_struct_site.details 
AC1 Software A CIT 100 ? 7  'BINDING SITE FOR RESIDUE CIT A 100' 
AC2 Software A EPE 101 ? 10 'BINDING SITE FOR RESIDUE EPE A 101' 
# 
loop_
_struct_site_gen.id 
_struct_site_gen.site_id 
_struct_site_gen.pdbx_num_res 
_struct_site_gen.label_comp_id 
_struct_site_gen.label_asym_id 
_struct_site_gen.label_seq_id 
_struct_site_gen.pdbx_auth_ins_code 
_struct_site_gen.auth_comp_id 
_struct_site_gen.auth_asym_id 
_struct_site_gen.auth_seq_id 
_struct_site_gen.label_atom_id 
_struct_site_gen.label_alt_id 
_struct_site_gen.symmetry 
_struct_site_gen.details 
1  AC1 7  ILE A 62 ? ILE A 62  . ? 11_655 ? 
2  AC1 7  LEU A 84 ? LEU A 84  . ? 1_555  ? 
3  AC1 7  LEU A 84 ? LEU A 84  . ? 11_655 ? 
4  AC1 7  HIS A 85 ? HIS A 85  . ? 11_655 ? 
5  AC1 7  HIS A 85 ? HIS A 85  . ? 1_555  ? 
6  AC1 7  EPE C .  ? EPE A 101 . ? 1_555  ? 
7  AC1 7  EPE C .  ? EPE A 101 . ? 11_655 ? 
8  AC2 10 ASN A 7  ? ASN A 7   . ? 11_655 ? 
9  AC2 10 GLY A 47 ? GLY A 47  . ? 3_655  ? 
10 AC2 10 TRP A 48 ? TRP A 48  . ? 3_655  ? 
11 AC2 10 LEU A 49 ? LEU A 49  . ? 3_655  ? 
12 AC2 10 THR A 83 ? THR A 83  . ? 1_555  ? 
13 AC2 10 LEU A 84 ? LEU A 84  . ? 1_555  ? 
14 AC2 10 CIT B .  ? CIT A 100 . ? 11_655 ? 
15 AC2 10 CIT B .  ? CIT A 100 . ? 1_555  ? 
16 AC2 10 HOH D .  ? HOH A 203 . ? 3_655  ? 
17 AC2 10 HOH D .  ? HOH A 224 . ? 11_655 ? 
# 
_pdbx_entry_details.entry_id                   3S64 
_pdbx_entry_details.compound_details           ? 
_pdbx_entry_details.source_details             ? 
_pdbx_entry_details.nonpolymer_details         ? 
_pdbx_entry_details.sequence_details           ? 
_pdbx_entry_details.has_ligand_of_interest     ? 
_pdbx_entry_details.has_protein_modification   Y 
# 
loop_
_pdbx_validate_torsion.id 
_pdbx_validate_torsion.PDB_model_num 
_pdbx_validate_torsion.auth_comp_id 
_pdbx_validate_torsion.auth_asym_id 
_pdbx_validate_torsion.auth_seq_id 
_pdbx_validate_torsion.PDB_ins_code 
_pdbx_validate_torsion.label_alt_id 
_pdbx_validate_torsion.phi 
_pdbx_validate_torsion.psi 
1 1 ASN A 9  ? ? 86.38   -2.62 
2 1 ASP A 32 ? ? -29.17  84.42 
3 1 GLN A 33 ? ? 42.73   17.60 
4 1 ILE A 46 ? ? -147.10 30.39 
5 1 TRP A 48 ? ? -93.57  48.88 
# 
loop_
_pdbx_unobs_or_zero_occ_residues.id 
_pdbx_unobs_or_zero_occ_residues.PDB_model_num 
_pdbx_unobs_or_zero_occ_residues.polymer_flag 
_pdbx_unobs_or_zero_occ_residues.occupancy_flag 
_pdbx_unobs_or_zero_occ_residues.auth_asym_id 
_pdbx_unobs_or_zero_occ_residues.auth_comp_id 
_pdbx_unobs_or_zero_occ_residues.auth_seq_id 
_pdbx_unobs_or_zero_occ_residues.PDB_ins_code 
_pdbx_unobs_or_zero_occ_residues.label_asym_id 
_pdbx_unobs_or_zero_occ_residues.label_comp_id 
_pdbx_unobs_or_zero_occ_residues.label_seq_id 
1 1 Y 1 A THR 1 ? A THR 1 
2 1 Y 1 A PRO 2 ? A PRO 2 
3 1 Y 1 A VAL 3 ? A VAL 3 
4 1 Y 1 A VAL 4 ? A VAL 4 
5 1 Y 1 A ILE 5 ? A ILE 5 
6 1 Y 1 A ASN 6 ? A ASN 6 
# 
loop_
_chem_comp_atom.comp_id 
_chem_comp_atom.atom_id 
_chem_comp_atom.type_symbol 
_chem_comp_atom.pdbx_aromatic_flag 
_chem_comp_atom.pdbx_stereo_config 
_chem_comp_atom.pdbx_ordinal 
ALA N    N N N 1   
ALA CA   C N S 2   
ALA C    C N N 3   
ALA O    O N N 4   
ALA CB   C N N 5   
ALA OXT  O N N 6   
ALA H    H N N 7   
ALA H2   H N N 8   
ALA HA   H N N 9   
ALA HB1  H N N 10  
ALA HB2  H N N 11  
ALA HB3  H N N 12  
ALA HXT  H N N 13  
ASN N    N N N 14  
ASN CA   C N S 15  
ASN C    C N N 16  
ASN O    O N N 17  
ASN CB   C N N 18  
ASN CG   C N N 19  
ASN OD1  O N N 20  
ASN ND2  N N N 21  
ASN OXT  O N N 22  
ASN H    H N N 23  
ASN H2   H N N 24  
ASN HA   H N N 25  
ASN HB2  H N N 26  
ASN HB3  H N N 27  
ASN HD21 H N N 28  
ASN HD22 H N N 29  
ASN HXT  H N N 30  
ASP N    N N N 31  
ASP CA   C N S 32  
ASP C    C N N 33  
ASP O    O N N 34  
ASP CB   C N N 35  
ASP CG   C N N 36  
ASP OD1  O N N 37  
ASP OD2  O N N 38  
ASP OXT  O N N 39  
ASP H    H N N 40  
ASP H2   H N N 41  
ASP HA   H N N 42  
ASP HB2  H N N 43  
ASP HB3  H N N 44  
ASP HD2  H N N 45  
ASP HXT  H N N 46  
CIT C1   C N N 47  
CIT O1   O N N 48  
CIT O2   O N N 49  
CIT C2   C N N 50  
CIT C3   C N N 51  
CIT O7   O N N 52  
CIT C4   C N N 53  
CIT C5   C N N 54  
CIT O3   O N N 55  
CIT O4   O N N 56  
CIT C6   C N N 57  
CIT O5   O N N 58  
CIT O6   O N N 59  
CIT HO2  H N N 60  
CIT H21  H N N 61  
CIT H22  H N N 62  
CIT HO7  H N N 63  
CIT H41  H N N 64  
CIT H42  H N N 65  
CIT HO4  H N N 66  
CIT HO6  H N N 67  
CYS N    N N N 68  
CYS CA   C N R 69  
CYS C    C N N 70  
CYS O    O N N 71  
CYS CB   C N N 72  
CYS SG   S N N 73  
CYS OXT  O N N 74  
CYS H    H N N 75  
CYS H2   H N N 76  
CYS HA   H N N 77  
CYS HB2  H N N 78  
CYS HB3  H N N 79  
CYS HG   H N N 80  
CYS HXT  H N N 81  
EPE N1   N N N 82  
EPE C2   C N N 83  
EPE C3   C N N 84  
EPE N4   N N N 85  
EPE C5   C N N 86  
EPE C6   C N N 87  
EPE C7   C N N 88  
EPE C8   C N N 89  
EPE O8   O N N 90  
EPE C9   C N N 91  
EPE C10  C N N 92  
EPE S    S N N 93  
EPE O1S  O N N 94  
EPE O2S  O N N 95  
EPE O3S  O N N 96  
EPE H21  H N N 97  
EPE H22  H N N 98  
EPE H31  H N N 99  
EPE H32  H N N 100 
EPE H51  H N N 101 
EPE H52  H N N 102 
EPE H61  H N N 103 
EPE H62  H N N 104 
EPE H71  H N N 105 
EPE H72  H N N 106 
EPE H81  H N N 107 
EPE H82  H N N 108 
EPE HO8  H N N 109 
EPE H91  H N N 110 
EPE H92  H N N 111 
EPE H101 H N N 112 
EPE H102 H N N 113 
EPE HOS3 H N N 114 
GLN N    N N N 115 
GLN CA   C N S 116 
GLN C    C N N 117 
GLN O    O N N 118 
GLN CB   C N N 119 
GLN CG   C N N 120 
GLN CD   C N N 121 
GLN OE1  O N N 122 
GLN NE2  N N N 123 
GLN OXT  O N N 124 
GLN H    H N N 125 
GLN H2   H N N 126 
GLN HA   H N N 127 
GLN HB2  H N N 128 
GLN HB3  H N N 129 
GLN HG2  H N N 130 
GLN HG3  H N N 131 
GLN HE21 H N N 132 
GLN HE22 H N N 133 
GLN HXT  H N N 134 
GLU N    N N N 135 
GLU CA   C N S 136 
GLU C    C N N 137 
GLU O    O N N 138 
GLU CB   C N N 139 
GLU CG   C N N 140 
GLU CD   C N N 141 
GLU OE1  O N N 142 
GLU OE2  O N N 143 
GLU OXT  O N N 144 
GLU H    H N N 145 
GLU H2   H N N 146 
GLU HA   H N N 147 
GLU HB2  H N N 148 
GLU HB3  H N N 149 
GLU HG2  H N N 150 
GLU HG3  H N N 151 
GLU HE2  H N N 152 
GLU HXT  H N N 153 
GLY N    N N N 154 
GLY CA   C N N 155 
GLY C    C N N 156 
GLY O    O N N 157 
GLY OXT  O N N 158 
GLY H    H N N 159 
GLY H2   H N N 160 
GLY HA2  H N N 161 
GLY HA3  H N N 162 
GLY HXT  H N N 163 
HIS N    N N N 164 
HIS CA   C N S 165 
HIS C    C N N 166 
HIS O    O N N 167 
HIS CB   C N N 168 
HIS CG   C Y N 169 
HIS ND1  N Y N 170 
HIS CD2  C Y N 171 
HIS CE1  C Y N 172 
HIS NE2  N Y N 173 
HIS OXT  O N N 174 
HIS H    H N N 175 
HIS H2   H N N 176 
HIS HA   H N N 177 
HIS HB2  H N N 178 
HIS HB3  H N N 179 
HIS HD1  H N N 180 
HIS HD2  H N N 181 
HIS HE1  H N N 182 
HIS HE2  H N N 183 
HIS HXT  H N N 184 
HOH O    O N N 185 
HOH H1   H N N 186 
HOH H2   H N N 187 
ILE N    N N N 188 
ILE CA   C N S 189 
ILE C    C N N 190 
ILE O    O N N 191 
ILE CB   C N S 192 
ILE CG1  C N N 193 
ILE CG2  C N N 194 
ILE CD1  C N N 195 
ILE OXT  O N N 196 
ILE H    H N N 197 
ILE H2   H N N 198 
ILE HA   H N N 199 
ILE HB   H N N 200 
ILE HG12 H N N 201 
ILE HG13 H N N 202 
ILE HG21 H N N 203 
ILE HG22 H N N 204 
ILE HG23 H N N 205 
ILE HD11 H N N 206 
ILE HD12 H N N 207 
ILE HD13 H N N 208 
ILE HXT  H N N 209 
LEU N    N N N 210 
LEU CA   C N S 211 
LEU C    C N N 212 
LEU O    O N N 213 
LEU CB   C N N 214 
LEU CG   C N N 215 
LEU CD1  C N N 216 
LEU CD2  C N N 217 
LEU OXT  O N N 218 
LEU H    H N N 219 
LEU H2   H N N 220 
LEU HA   H N N 221 
LEU HB2  H N N 222 
LEU HB3  H N N 223 
LEU HG   H N N 224 
LEU HD11 H N N 225 
LEU HD12 H N N 226 
LEU HD13 H N N 227 
LEU HD21 H N N 228 
LEU HD22 H N N 229 
LEU HD23 H N N 230 
LEU HXT  H N N 231 
LYS N    N N N 232 
LYS CA   C N S 233 
LYS C    C N N 234 
LYS O    O N N 235 
LYS CB   C N N 236 
LYS CG   C N N 237 
LYS CD   C N N 238 
LYS CE   C N N 239 
LYS NZ   N N N 240 
LYS OXT  O N N 241 
LYS H    H N N 242 
LYS H2   H N N 243 
LYS HA   H N N 244 
LYS HB2  H N N 245 
LYS HB3  H N N 246 
LYS HG2  H N N 247 
LYS HG3  H N N 248 
LYS HD2  H N N 249 
LYS HD3  H N N 250 
LYS HE2  H N N 251 
LYS HE3  H N N 252 
LYS HZ1  H N N 253 
LYS HZ2  H N N 254 
LYS HZ3  H N N 255 
LYS HXT  H N N 256 
MET N    N N N 257 
MET CA   C N S 258 
MET C    C N N 259 
MET O    O N N 260 
MET CB   C N N 261 
MET CG   C N N 262 
MET SD   S N N 263 
MET CE   C N N 264 
MET OXT  O N N 265 
MET H    H N N 266 
MET H2   H N N 267 
MET HA   H N N 268 
MET HB2  H N N 269 
MET HB3  H N N 270 
MET HG2  H N N 271 
MET HG3  H N N 272 
MET HE1  H N N 273 
MET HE2  H N N 274 
MET HE3  H N N 275 
MET HXT  H N N 276 
PHE N    N N N 277 
PHE CA   C N S 278 
PHE C    C N N 279 
PHE O    O N N 280 
PHE CB   C N N 281 
PHE CG   C Y N 282 
PHE CD1  C Y N 283 
PHE CD2  C Y N 284 
PHE CE1  C Y N 285 
PHE CE2  C Y N 286 
PHE CZ   C Y N 287 
PHE OXT  O N N 288 
PHE H    H N N 289 
PHE H2   H N N 290 
PHE HA   H N N 291 
PHE HB2  H N N 292 
PHE HB3  H N N 293 
PHE HD1  H N N 294 
PHE HD2  H N N 295 
PHE HE1  H N N 296 
PHE HE2  H N N 297 
PHE HZ   H N N 298 
PHE HXT  H N N 299 
PRO N    N N N 300 
PRO CA   C N S 301 
PRO C    C N N 302 
PRO O    O N N 303 
PRO CB   C N N 304 
PRO CG   C N N 305 
PRO CD   C N N 306 
PRO OXT  O N N 307 
PRO H    H N N 308 
PRO HA   H N N 309 
PRO HB2  H N N 310 
PRO HB3  H N N 311 
PRO HG2  H N N 312 
PRO HG3  H N N 313 
PRO HD2  H N N 314 
PRO HD3  H N N 315 
PRO HXT  H N N 316 
SER N    N N N 317 
SER CA   C N S 318 
SER C    C N N 319 
SER O    O N N 320 
SER CB   C N N 321 
SER OG   O N N 322 
SER OXT  O N N 323 
SER H    H N N 324 
SER H2   H N N 325 
SER HA   H N N 326 
SER HB2  H N N 327 
SER HB3  H N N 328 
SER HG   H N N 329 
SER HXT  H N N 330 
THR N    N N N 331 
THR CA   C N S 332 
THR C    C N N 333 
THR O    O N N 334 
THR CB   C N R 335 
THR OG1  O N N 336 
THR CG2  C N N 337 
THR OXT  O N N 338 
THR H    H N N 339 
THR H2   H N N 340 
THR HA   H N N 341 
THR HB   H N N 342 
THR HG1  H N N 343 
THR HG21 H N N 344 
THR HG22 H N N 345 
THR HG23 H N N 346 
THR HXT  H N N 347 
TRP N    N N N 348 
TRP CA   C N S 349 
TRP C    C N N 350 
TRP O    O N N 351 
TRP CB   C N N 352 
TRP CG   C Y N 353 
TRP CD1  C Y N 354 
TRP CD2  C Y N 355 
TRP NE1  N Y N 356 
TRP CE2  C Y N 357 
TRP CE3  C Y N 358 
TRP CZ2  C Y N 359 
TRP CZ3  C Y N 360 
TRP CH2  C Y N 361 
TRP OXT  O N N 362 
TRP H    H N N 363 
TRP H2   H N N 364 
TRP HA   H N N 365 
TRP HB2  H N N 366 
TRP HB3  H N N 367 
TRP HD1  H N N 368 
TRP HE1  H N N 369 
TRP HE3  H N N 370 
TRP HZ2  H N N 371 
TRP HZ3  H N N 372 
TRP HH2  H N N 373 
TRP HXT  H N N 374 
TYR N    N N N 375 
TYR CA   C N S 376 
TYR C    C N N 377 
TYR O    O N N 378 
TYR CB   C N N 379 
TYR CG   C Y N 380 
TYR CD1  C Y N 381 
TYR CD2  C Y N 382 
TYR CE1  C Y N 383 
TYR CE2  C Y N 384 
TYR CZ   C Y N 385 
TYR OH   O N N 386 
TYR OXT  O N N 387 
TYR H    H N N 388 
TYR H2   H N N 389 
TYR HA   H N N 390 
TYR HB2  H N N 391 
TYR HB3  H N N 392 
TYR HD1  H N N 393 
TYR HD2  H N N 394 
TYR HE1  H N N 395 
TYR HE2  H N N 396 
TYR HH   H N N 397 
TYR HXT  H N N 398 
VAL N    N N N 399 
VAL CA   C N S 400 
VAL C    C N N 401 
VAL O    O N N 402 
VAL CB   C N N 403 
VAL CG1  C N N 404 
VAL CG2  C N N 405 
VAL OXT  O N N 406 
VAL H    H N N 407 
VAL H2   H N N 408 
VAL HA   H N N 409 
VAL HB   H N N 410 
VAL HG11 H N N 411 
VAL HG12 H N N 412 
VAL HG13 H N N 413 
VAL HG21 H N N 414 
VAL HG22 H N N 415 
VAL HG23 H N N 416 
VAL HXT  H N N 417 
# 
loop_
_chem_comp_bond.comp_id 
_chem_comp_bond.atom_id_1 
_chem_comp_bond.atom_id_2 
_chem_comp_bond.value_order 
_chem_comp_bond.pdbx_aromatic_flag 
_chem_comp_bond.pdbx_stereo_config 
_chem_comp_bond.pdbx_ordinal 
ALA N   CA   sing N N 1   
ALA N   H    sing N N 2   
ALA N   H2   sing N N 3   
ALA CA  C    sing N N 4   
ALA CA  CB   sing N N 5   
ALA CA  HA   sing N N 6   
ALA C   O    doub N N 7   
ALA C   OXT  sing N N 8   
ALA CB  HB1  sing N N 9   
ALA CB  HB2  sing N N 10  
ALA CB  HB3  sing N N 11  
ALA OXT HXT  sing N N 12  
ASN N   CA   sing N N 13  
ASN N   H    sing N N 14  
ASN N   H2   sing N N 15  
ASN CA  C    sing N N 16  
ASN CA  CB   sing N N 17  
ASN CA  HA   sing N N 18  
ASN C   O    doub N N 19  
ASN C   OXT  sing N N 20  
ASN CB  CG   sing N N 21  
ASN CB  HB2  sing N N 22  
ASN CB  HB3  sing N N 23  
ASN CG  OD1  doub N N 24  
ASN CG  ND2  sing N N 25  
ASN ND2 HD21 sing N N 26  
ASN ND2 HD22 sing N N 27  
ASN OXT HXT  sing N N 28  
ASP N   CA   sing N N 29  
ASP N   H    sing N N 30  
ASP N   H2   sing N N 31  
ASP CA  C    sing N N 32  
ASP CA  CB   sing N N 33  
ASP CA  HA   sing N N 34  
ASP C   O    doub N N 35  
ASP C   OXT  sing N N 36  
ASP CB  CG   sing N N 37  
ASP CB  HB2  sing N N 38  
ASP CB  HB3  sing N N 39  
ASP CG  OD1  doub N N 40  
ASP CG  OD2  sing N N 41  
ASP OD2 HD2  sing N N 42  
ASP OXT HXT  sing N N 43  
CIT C1  O1   doub N N 44  
CIT C1  O2   sing N N 45  
CIT C1  C2   sing N N 46  
CIT O2  HO2  sing N N 47  
CIT C2  C3   sing N N 48  
CIT C2  H21  sing N N 49  
CIT C2  H22  sing N N 50  
CIT C3  O7   sing N N 51  
CIT C3  C4   sing N N 52  
CIT C3  C6   sing N N 53  
CIT O7  HO7  sing N N 54  
CIT C4  C5   sing N N 55  
CIT C4  H41  sing N N 56  
CIT C4  H42  sing N N 57  
CIT C5  O3   doub N N 58  
CIT C5  O4   sing N N 59  
CIT O4  HO4  sing N N 60  
CIT C6  O5   doub N N 61  
CIT C6  O6   sing N N 62  
CIT O6  HO6  sing N N 63  
CYS N   CA   sing N N 64  
CYS N   H    sing N N 65  
CYS N   H2   sing N N 66  
CYS CA  C    sing N N 67  
CYS CA  CB   sing N N 68  
CYS CA  HA   sing N N 69  
CYS C   O    doub N N 70  
CYS C   OXT  sing N N 71  
CYS CB  SG   sing N N 72  
CYS CB  HB2  sing N N 73  
CYS CB  HB3  sing N N 74  
CYS SG  HG   sing N N 75  
CYS OXT HXT  sing N N 76  
EPE N1  C2   sing N N 77  
EPE N1  C6   sing N N 78  
EPE N1  C9   sing N N 79  
EPE C2  C3   sing N N 80  
EPE C2  H21  sing N N 81  
EPE C2  H22  sing N N 82  
EPE C3  N4   sing N N 83  
EPE C3  H31  sing N N 84  
EPE C3  H32  sing N N 85  
EPE N4  C5   sing N N 86  
EPE N4  C7   sing N N 87  
EPE C5  C6   sing N N 88  
EPE C5  H51  sing N N 89  
EPE C5  H52  sing N N 90  
EPE C6  H61  sing N N 91  
EPE C6  H62  sing N N 92  
EPE C7  C8   sing N N 93  
EPE C7  H71  sing N N 94  
EPE C7  H72  sing N N 95  
EPE C8  O8   sing N N 96  
EPE C8  H81  sing N N 97  
EPE C8  H82  sing N N 98  
EPE O8  HO8  sing N N 99  
EPE C9  C10  sing N N 100 
EPE C9  H91  sing N N 101 
EPE C9  H92  sing N N 102 
EPE C10 S    sing N N 103 
EPE C10 H101 sing N N 104 
EPE C10 H102 sing N N 105 
EPE S   O1S  doub N N 106 
EPE S   O2S  doub N N 107 
EPE S   O3S  sing N N 108 
EPE O3S HOS3 sing N N 109 
GLN N   CA   sing N N 110 
GLN N   H    sing N N 111 
GLN N   H2   sing N N 112 
GLN CA  C    sing N N 113 
GLN CA  CB   sing N N 114 
GLN CA  HA   sing N N 115 
GLN C   O    doub N N 116 
GLN C   OXT  sing N N 117 
GLN CB  CG   sing N N 118 
GLN CB  HB2  sing N N 119 
GLN CB  HB3  sing N N 120 
GLN CG  CD   sing N N 121 
GLN CG  HG2  sing N N 122 
GLN CG  HG3  sing N N 123 
GLN CD  OE1  doub N N 124 
GLN CD  NE2  sing N N 125 
GLN NE2 HE21 sing N N 126 
GLN NE2 HE22 sing N N 127 
GLN OXT HXT  sing N N 128 
GLU N   CA   sing N N 129 
GLU N   H    sing N N 130 
GLU N   H2   sing N N 131 
GLU CA  C    sing N N 132 
GLU CA  CB   sing N N 133 
GLU CA  HA   sing N N 134 
GLU C   O    doub N N 135 
GLU C   OXT  sing N N 136 
GLU CB  CG   sing N N 137 
GLU CB  HB2  sing N N 138 
GLU CB  HB3  sing N N 139 
GLU CG  CD   sing N N 140 
GLU CG  HG2  sing N N 141 
GLU CG  HG3  sing N N 142 
GLU CD  OE1  doub N N 143 
GLU CD  OE2  sing N N 144 
GLU OE2 HE2  sing N N 145 
GLU OXT HXT  sing N N 146 
GLY N   CA   sing N N 147 
GLY N   H    sing N N 148 
GLY N   H2   sing N N 149 
GLY CA  C    sing N N 150 
GLY CA  HA2  sing N N 151 
GLY CA  HA3  sing N N 152 
GLY C   O    doub N N 153 
GLY C   OXT  sing N N 154 
GLY OXT HXT  sing N N 155 
HIS N   CA   sing N N 156 
HIS N   H    sing N N 157 
HIS N   H2   sing N N 158 
HIS CA  C    sing N N 159 
HIS CA  CB   sing N N 160 
HIS CA  HA   sing N N 161 
HIS C   O    doub N N 162 
HIS C   OXT  sing N N 163 
HIS CB  CG   sing N N 164 
HIS CB  HB2  sing N N 165 
HIS CB  HB3  sing N N 166 
HIS CG  ND1  sing Y N 167 
HIS CG  CD2  doub Y N 168 
HIS ND1 CE1  doub Y N 169 
HIS ND1 HD1  sing N N 170 
HIS CD2 NE2  sing Y N 171 
HIS CD2 HD2  sing N N 172 
HIS CE1 NE2  sing Y N 173 
HIS CE1 HE1  sing N N 174 
HIS NE2 HE2  sing N N 175 
HIS OXT HXT  sing N N 176 
HOH O   H1   sing N N 177 
HOH O   H2   sing N N 178 
ILE N   CA   sing N N 179 
ILE N   H    sing N N 180 
ILE N   H2   sing N N 181 
ILE CA  C    sing N N 182 
ILE CA  CB   sing N N 183 
ILE CA  HA   sing N N 184 
ILE C   O    doub N N 185 
ILE C   OXT  sing N N 186 
ILE CB  CG1  sing N N 187 
ILE CB  CG2  sing N N 188 
ILE CB  HB   sing N N 189 
ILE CG1 CD1  sing N N 190 
ILE CG1 HG12 sing N N 191 
ILE CG1 HG13 sing N N 192 
ILE CG2 HG21 sing N N 193 
ILE CG2 HG22 sing N N 194 
ILE CG2 HG23 sing N N 195 
ILE CD1 HD11 sing N N 196 
ILE CD1 HD12 sing N N 197 
ILE CD1 HD13 sing N N 198 
ILE OXT HXT  sing N N 199 
LEU N   CA   sing N N 200 
LEU N   H    sing N N 201 
LEU N   H2   sing N N 202 
LEU CA  C    sing N N 203 
LEU CA  CB   sing N N 204 
LEU CA  HA   sing N N 205 
LEU C   O    doub N N 206 
LEU C   OXT  sing N N 207 
LEU CB  CG   sing N N 208 
LEU CB  HB2  sing N N 209 
LEU CB  HB3  sing N N 210 
LEU CG  CD1  sing N N 211 
LEU CG  CD2  sing N N 212 
LEU CG  HG   sing N N 213 
LEU CD1 HD11 sing N N 214 
LEU CD1 HD12 sing N N 215 
LEU CD1 HD13 sing N N 216 
LEU CD2 HD21 sing N N 217 
LEU CD2 HD22 sing N N 218 
LEU CD2 HD23 sing N N 219 
LEU OXT HXT  sing N N 220 
LYS N   CA   sing N N 221 
LYS N   H    sing N N 222 
LYS N   H2   sing N N 223 
LYS CA  C    sing N N 224 
LYS CA  CB   sing N N 225 
LYS CA  HA   sing N N 226 
LYS C   O    doub N N 227 
LYS C   OXT  sing N N 228 
LYS CB  CG   sing N N 229 
LYS CB  HB2  sing N N 230 
LYS CB  HB3  sing N N 231 
LYS CG  CD   sing N N 232 
LYS CG  HG2  sing N N 233 
LYS CG  HG3  sing N N 234 
LYS CD  CE   sing N N 235 
LYS CD  HD2  sing N N 236 
LYS CD  HD3  sing N N 237 
LYS CE  NZ   sing N N 238 
LYS CE  HE2  sing N N 239 
LYS CE  HE3  sing N N 240 
LYS NZ  HZ1  sing N N 241 
LYS NZ  HZ2  sing N N 242 
LYS NZ  HZ3  sing N N 243 
LYS OXT HXT  sing N N 244 
MET N   CA   sing N N 245 
MET N   H    sing N N 246 
MET N   H2   sing N N 247 
MET CA  C    sing N N 248 
MET CA  CB   sing N N 249 
MET CA  HA   sing N N 250 
MET C   O    doub N N 251 
MET C   OXT  sing N N 252 
MET CB  CG   sing N N 253 
MET CB  HB2  sing N N 254 
MET CB  HB3  sing N N 255 
MET CG  SD   sing N N 256 
MET CG  HG2  sing N N 257 
MET CG  HG3  sing N N 258 
MET SD  CE   sing N N 259 
MET CE  HE1  sing N N 260 
MET CE  HE2  sing N N 261 
MET CE  HE3  sing N N 262 
MET OXT HXT  sing N N 263 
PHE N   CA   sing N N 264 
PHE N   H    sing N N 265 
PHE N   H2   sing N N 266 
PHE CA  C    sing N N 267 
PHE CA  CB   sing N N 268 
PHE CA  HA   sing N N 269 
PHE C   O    doub N N 270 
PHE C   OXT  sing N N 271 
PHE CB  CG   sing N N 272 
PHE CB  HB2  sing N N 273 
PHE CB  HB3  sing N N 274 
PHE CG  CD1  doub Y N 275 
PHE CG  CD2  sing Y N 276 
PHE CD1 CE1  sing Y N 277 
PHE CD1 HD1  sing N N 278 
PHE CD2 CE2  doub Y N 279 
PHE CD2 HD2  sing N N 280 
PHE CE1 CZ   doub Y N 281 
PHE CE1 HE1  sing N N 282 
PHE CE2 CZ   sing Y N 283 
PHE CE2 HE2  sing N N 284 
PHE CZ  HZ   sing N N 285 
PHE OXT HXT  sing N N 286 
PRO N   CA   sing N N 287 
PRO N   CD   sing N N 288 
PRO N   H    sing N N 289 
PRO CA  C    sing N N 290 
PRO CA  CB   sing N N 291 
PRO CA  HA   sing N N 292 
PRO C   O    doub N N 293 
PRO C   OXT  sing N N 294 
PRO CB  CG   sing N N 295 
PRO CB  HB2  sing N N 296 
PRO CB  HB3  sing N N 297 
PRO CG  CD   sing N N 298 
PRO CG  HG2  sing N N 299 
PRO CG  HG3  sing N N 300 
PRO CD  HD2  sing N N 301 
PRO CD  HD3  sing N N 302 
PRO OXT HXT  sing N N 303 
SER N   CA   sing N N 304 
SER N   H    sing N N 305 
SER N   H2   sing N N 306 
SER CA  C    sing N N 307 
SER CA  CB   sing N N 308 
SER CA  HA   sing N N 309 
SER C   O    doub N N 310 
SER C   OXT  sing N N 311 
SER CB  OG   sing N N 312 
SER CB  HB2  sing N N 313 
SER CB  HB3  sing N N 314 
SER OG  HG   sing N N 315 
SER OXT HXT  sing N N 316 
THR N   CA   sing N N 317 
THR N   H    sing N N 318 
THR N   H2   sing N N 319 
THR CA  C    sing N N 320 
THR CA  CB   sing N N 321 
THR CA  HA   sing N N 322 
THR C   O    doub N N 323 
THR C   OXT  sing N N 324 
THR CB  OG1  sing N N 325 
THR CB  CG2  sing N N 326 
THR CB  HB   sing N N 327 
THR OG1 HG1  sing N N 328 
THR CG2 HG21 sing N N 329 
THR CG2 HG22 sing N N 330 
THR CG2 HG23 sing N N 331 
THR OXT HXT  sing N N 332 
TRP N   CA   sing N N 333 
TRP N   H    sing N N 334 
TRP N   H2   sing N N 335 
TRP CA  C    sing N N 336 
TRP CA  CB   sing N N 337 
TRP CA  HA   sing N N 338 
TRP C   O    doub N N 339 
TRP C   OXT  sing N N 340 
TRP CB  CG   sing N N 341 
TRP CB  HB2  sing N N 342 
TRP CB  HB3  sing N N 343 
TRP CG  CD1  doub Y N 344 
TRP CG  CD2  sing Y N 345 
TRP CD1 NE1  sing Y N 346 
TRP CD1 HD1  sing N N 347 
TRP CD2 CE2  doub Y N 348 
TRP CD2 CE3  sing Y N 349 
TRP NE1 CE2  sing Y N 350 
TRP NE1 HE1  sing N N 351 
TRP CE2 CZ2  sing Y N 352 
TRP CE3 CZ3  doub Y N 353 
TRP CE3 HE3  sing N N 354 
TRP CZ2 CH2  doub Y N 355 
TRP CZ2 HZ2  sing N N 356 
TRP CZ3 CH2  sing Y N 357 
TRP CZ3 HZ3  sing N N 358 
TRP CH2 HH2  sing N N 359 
TRP OXT HXT  sing N N 360 
TYR N   CA   sing N N 361 
TYR N   H    sing N N 362 
TYR N   H2   sing N N 363 
TYR CA  C    sing N N 364 
TYR CA  CB   sing N N 365 
TYR CA  HA   sing N N 366 
TYR C   O    doub N N 367 
TYR C   OXT  sing N N 368 
TYR CB  CG   sing N N 369 
TYR CB  HB2  sing N N 370 
TYR CB  HB3  sing N N 371 
TYR CG  CD1  doub Y N 372 
TYR CG  CD2  sing Y N 373 
TYR CD1 CE1  sing Y N 374 
TYR CD1 HD1  sing N N 375 
TYR CD2 CE2  doub Y N 376 
TYR CD2 HD2  sing N N 377 
TYR CE1 CZ   doub Y N 378 
TYR CE1 HE1  sing N N 379 
TYR CE2 CZ   sing Y N 380 
TYR CE2 HE2  sing N N 381 
TYR CZ  OH   sing N N 382 
TYR OH  HH   sing N N 383 
TYR OXT HXT  sing N N 384 
VAL N   CA   sing N N 385 
VAL N   H    sing N N 386 
VAL N   H2   sing N N 387 
VAL CA  C    sing N N 388 
VAL CA  CB   sing N N 389 
VAL CA  HA   sing N N 390 
VAL C   O    doub N N 391 
VAL C   OXT  sing N N 392 
VAL CB  CG1  sing N N 393 
VAL CB  CG2  sing N N 394 
VAL CB  HB   sing N N 395 
VAL CG1 HG11 sing N N 396 
VAL CG1 HG12 sing N N 397 
VAL CG1 HG13 sing N N 398 
VAL CG2 HG21 sing N N 399 
VAL CG2 HG22 sing N N 400 
VAL CG2 HG23 sing N N 401 
VAL OXT HXT  sing N N 402 
# 
_atom_sites.entry_id                    3S64 
_atom_sites.fract_transf_matrix[1][1]   0.01524922 
_atom_sites.fract_transf_matrix[1][2]   -0.00216164 
_atom_sites.fract_transf_matrix[1][3]   -0.00442984 
_atom_sites.fract_transf_matrix[2][1]   0.00941356 
_atom_sites.fract_transf_matrix[2][2]   0.01267127 
_atom_sites.fract_transf_matrix[2][3]   -0.00276706 
_atom_sites.fract_transf_matrix[3][1]   0.00307235 
_atom_sites.fract_transf_matrix[3][2]   0.00002449 
_atom_sites.fract_transf_matrix[3][3]   0.01056428 
_atom_sites.fract_transf_vector[1]      0.169899 
_atom_sites.fract_transf_vector[2]      -0.461758 
_atom_sites.fract_transf_vector[3]      -0.068036 
# 
loop_
_atom_type.symbol 
C 
N 
O 
S 
# 
loop_
_atom_site.group_PDB 
_atom_site.id 
_atom_site.type_symbol 
_atom_site.label_atom_id 
_atom_site.label_alt_id 
_atom_site.label_comp_id 
_atom_site.label_asym_id 
_atom_site.label_entity_id 
_atom_site.label_seq_id 
_atom_site.pdbx_PDB_ins_code 
_atom_site.Cartn_x 
_atom_site.Cartn_y 
_atom_site.Cartn_z 
_atom_site.occupancy 
_atom_site.B_iso_or_equiv 
_atom_site.pdbx_formal_charge 
_atom_site.auth_seq_id 
_atom_site.auth_comp_id 
_atom_site.auth_asym_id 
_atom_site.auth_atom_id 
_atom_site.pdbx_PDB_model_num 
ATOM   1   N N   . ASN A 1 7  ? 13.695  7.029   -3.218  1.00 96.97  ? 7   ASN A N   1 
ATOM   2   C CA  . ASN A 1 7  ? 14.247  8.126   -4.010  1.00 100.80 ? 7   ASN A CA  1 
ATOM   3   C C   . ASN A 1 7  ? 13.273  9.294   -4.172  1.00 99.45  ? 7   ASN A C   1 
ATOM   4   O O   . ASN A 1 7  ? 13.070  10.076  -3.239  1.00 99.49  ? 7   ASN A O   1 
ATOM   5   C CB  . ASN A 1 7  ? 14.715  7.622   -5.377  1.00 85.04  ? 7   ASN A CB  1 
ATOM   6   C CG  . ASN A 1 7  ? 15.846  6.617   -5.272  1.00 89.54  ? 7   ASN A CG  1 
ATOM   7   O OD1 . ASN A 1 7  ? 15.909  5.827   -4.325  1.00 90.84  ? 7   ASN A OD1 1 
ATOM   8   N ND2 . ASN A 1 7  ? 16.753  6.647   -6.243  1.00 84.73  ? 7   ASN A ND2 1 
ATOM   9   N N   . SER A 1 8  ? 12.678  9.411   -5.359  1.00 92.83  ? 8   SER A N   1 
ATOM   10  C CA  . SER A 1 8  ? 11.667  10.436  -5.620  1.00 93.34  ? 8   SER A CA  1 
ATOM   11  C C   . SER A 1 8  ? 10.436  10.227  -4.743  1.00 96.68  ? 8   SER A C   1 
ATOM   12  O O   . SER A 1 8  ? 10.059  11.115  -3.980  1.00 98.54  ? 8   SER A O   1 
ATOM   13  C CB  . SER A 1 8  ? 11.264  10.445  -7.097  1.00 95.75  ? 8   SER A CB  1 
ATOM   14  O OG  . SER A 1 8  ? 10.097  11.225  -7.302  1.00 96.62  ? 8   SER A OG  1 
ATOM   15  N N   . ASN A 1 9  ? 9.812   9.057   -4.885  1.00 72.95  ? 9   ASN A N   1 
ATOM   16  C CA  . ASN A 1 9  ? 8.739   8.584   -4.003  1.00 69.46  ? 9   ASN A CA  1 
ATOM   17  C C   . ASN A 1 9  ? 7.326   9.027   -4.356  1.00 71.72  ? 9   ASN A C   1 
ATOM   18  O O   . ASN A 1 9  ? 6.363   8.628   -3.692  1.00 70.95  ? 9   ASN A O   1 
ATOM   19  C CB  . ASN A 1 9  ? 9.051   8.884   -2.520  1.00 96.15  ? 9   ASN A CB  1 
ATOM   20  C CG  . ASN A 1 9  ? 8.591   10.277  -2.059  1.00 96.01  ? 9   ASN A CG  1 
ATOM   21  O OD1 . ASN A 1 9  ? 8.843   10.667  -0.913  1.00 97.80  ? 9   ASN A OD1 1 
ATOM   22  N ND2 . ASN A 1 9  ? 7.914   11.017  -2.932  1.00 94.20  ? 9   ASN A ND2 1 
ATOM   23  N N   . VAL A 1 10 ? 7.197   9.844   -5.395  1.00 52.44  ? 10  VAL A N   1 
ATOM   24  C CA  . VAL A 1 10 ? 5.957   10.602  -5.582  1.00 56.02  ? 10  VAL A CA  1 
ATOM   25  C C   . VAL A 1 10 ? 4.724   9.720   -5.800  1.00 54.64  ? 10  VAL A C   1 
ATOM   26  O O   . VAL A 1 10 ? 3.600   10.126  -5.473  1.00 53.43  ? 10  VAL A O   1 
ATOM   27  C CB  . VAL A 1 10 ? 6.077   11.657  -6.704  1.00 99.41  ? 10  VAL A CB  1 
ATOM   28  C CG1 . VAL A 1 10 ? 4.815   12.511  -6.761  1.00 99.08  ? 10  VAL A CG1 1 
ATOM   29  C CG2 . VAL A 1 10 ? 7.300   12.538  -6.474  1.00 90.13  ? 10  VAL A CG2 1 
ATOM   30  N N   . ILE A 1 11 ? 4.935   8.515   -6.324  1.00 50.31  ? 11  ILE A N   1 
ATOM   31  C CA  . ILE A 1 11 ? 3.820   7.604   -6.554  1.00 55.13  ? 11  ILE A CA  1 
ATOM   32  C C   . ILE A 1 11 ? 3.847   6.363   -5.662  1.00 53.35  ? 11  ILE A C   1 
ATOM   33  O O   . ILE A 1 11 ? 2.863   5.623   -5.608  1.00 51.25  ? 11  ILE A O   1 
ATOM   34  C CB  . ILE A 1 11 ? 3.664   7.190   -8.061  1.00 66.04  ? 11  ILE A CB  1 
ATOM   35  C CG1 . ILE A 1 11 ? 4.861   6.371   -8.544  1.00 62.23  ? 11  ILE A CG1 1 
ATOM   36  C CG2 . ILE A 1 11 ? 3.423   8.411   -8.957  1.00 66.04  ? 11  ILE A CG2 1 
ATOM   37  C CD1 . ILE A 1 11 ? 4.717   4.881   -8.313  1.00 61.15  ? 11  ILE A CD1 1 
ATOM   38  N N   . VAL A 1 12 ? 4.970   6.116   -4.981  1.00 50.74  ? 12  VAL A N   1 
ATOM   39  C CA  . VAL A 1 12 ? 4.984   5.102   -3.935  1.00 42.71  ? 12  VAL A CA  1 
ATOM   40  C C   . VAL A 1 12 ? 4.116   5.637   -2.806  1.00 37.70  ? 12  VAL A C   1 
ATOM   41  O O   . VAL A 1 12 ? 3.463   4.882   -2.104  1.00 39.94  ? 12  VAL A O   1 
ATOM   42  C CB  . VAL A 1 12 ? 6.403   4.786   -3.405  1.00 55.05  ? 12  VAL A CB  1 
ATOM   43  C CG1 . VAL A 1 12 ? 6.929   5.919   -2.555  1.00 50.02  ? 12  VAL A CG1 1 
ATOM   44  C CG2 . VAL A 1 12 ? 6.387   3.513   -2.587  1.00 48.97  ? 12  VAL A CG2 1 
ATOM   45  N N   . CYS A 1 13 ? 4.103   6.954   -2.669  1.00 35.92  ? 13  CYS A N   1 
ATOM   46  C CA  . CYS A 1 13 ? 3.306   7.640   -1.660  1.00 36.49  ? 13  CYS A CA  1 
ATOM   47  C C   . CYS A 1 13 ? 1.816   7.632   -1.981  1.00 41.30  ? 13  CYS A C   1 
ATOM   48  O O   . CYS A 1 13 ? 0.973   7.641   -1.076  1.00 35.08  ? 13  CYS A O   1 
ATOM   49  C CB  . CYS A 1 13 ? 3.789   9.082   -1.502  1.00 41.96  ? 13  CYS A CB  1 
ATOM   50  S SG  . CYS A 1 13 ? 5.334   9.232   -0.522  1.00 49.86  ? 13  CYS A SG  1 
ATOM   51  N N   . GLU A 1 14 ? 1.487   7.643   -3.270  1.00 42.99  ? 14  GLU A N   1 
ATOM   52  C CA  . GLU A 1 14 ? 0.098   7.539   -3.684  1.00 39.95  ? 14  GLU A CA  1 
ATOM   53  C C   . GLU A 1 14 ? -0.314  6.078   -3.585  1.00 37.73  ? 14  GLU A C   1 
ATOM   54  O O   . GLU A 1 14 ? -1.448  5.755   -3.248  1.00 37.65  ? 14  GLU A O   1 
ATOM   55  C CB  . GLU A 1 14 ? -0.094  8.062   -5.113  1.00 75.22  ? 14  GLU A CB  1 
ATOM   56  C CG  . GLU A 1 14 ? -0.924  9.339   -5.187  1.00 74.20  ? 14  GLU A CG  1 
ATOM   57  C CD  . GLU A 1 14 ? -2.273  9.212   -4.474  1.00 84.66  ? 14  GLU A CD  1 
ATOM   58  O OE1 . GLU A 1 14 ? -2.799  8.080   -4.362  1.00 80.61  ? 14  GLU A OE1 1 
ATOM   59  O OE2 . GLU A 1 14 ? -2.808  10.247  -4.019  1.00 82.74  ? 14  GLU A OE2 1 
ATOM   60  N N   . ILE A 1 15 ? 0.627   5.193   -3.874  1.00 32.76  ? 15  ILE A N   1 
ATOM   61  C CA  . ILE A 1 15 ? 0.394   3.775   -3.692  1.00 34.36  ? 15  ILE A CA  1 
ATOM   62  C C   . ILE A 1 15 ? 0.137   3.460   -2.217  1.00 32.51  ? 15  ILE A C   1 
ATOM   63  O O   . ILE A 1 15 ? -0.730  2.647   -1.897  1.00 30.09  ? 15  ILE A O   1 
ATOM   64  C CB  . ILE A 1 15 ? 1.575   2.940   -4.218  1.00 34.93  ? 15  ILE A CB  1 
ATOM   65  C CG1 . ILE A 1 15 ? 1.674   3.072   -5.743  1.00 43.13  ? 15  ILE A CG1 1 
ATOM   66  C CG2 . ILE A 1 15 ? 1.391   1.496   -3.848  1.00 33.43  ? 15  ILE A CG2 1 
ATOM   67  C CD1 . ILE A 1 15 ? 2.706   2.163   -6.374  1.00 41.46  ? 15  ILE A CD1 1 
ATOM   68  N N   . CYS A 1 16 ? 0.889   4.105   -1.326  1.00 35.04  ? 16  CYS A N   1 
ATOM   69  C CA  . CYS A 1 16 ? 0.760   3.877   0.115   1.00 34.99  ? 16  CYS A CA  1 
ATOM   70  C C   . CYS A 1 16 ? -0.540  4.467   0.644   1.00 31.64  ? 16  CYS A C   1 
ATOM   71  O O   . CYS A 1 16 ? -1.258  3.821   1.387   1.00 32.93  ? 16  CYS A O   1 
ATOM   72  C CB  . CYS A 1 16 ? 1.950   4.480   0.871   1.00 33.29  ? 16  CYS A CB  1 
ATOM   73  S SG  . CYS A 1 16 ? 1.867   4.305   2.693   1.00 35.04  ? 16  CYS A SG  1 
ATOM   74  N N   . LYS A 1 17 ? -0.827  5.706   0.273   1.00 31.45  ? 17  LYS A N   1 
ATOM   75  C CA  . LYS A 1 17 ? -2.103  6.338   0.604   1.00 35.11  ? 17  LYS A CA  1 
ATOM   76  C C   . LYS A 1 17 ? -3.291  5.514   0.105   1.00 38.42  ? 17  LYS A C   1 
ATOM   77  O O   . LYS A 1 17 ? -4.349  5.489   0.725   1.00 41.88  ? 17  LYS A O   1 
ATOM   78  C CB  . LYS A 1 17 ? -2.163  7.735   -0.003  1.00 42.39  ? 17  LYS A CB  1 
ATOM   79  C CG  . LYS A 1 17 ? -3.280  8.604   0.523   1.00 49.08  ? 17  LYS A CG  1 
ATOM   80  C CD  . LYS A 1 17 ? -3.767  9.569   -0.544  1.00 52.84  ? 17  LYS A CD  1 
ATOM   81  C CE  . LYS A 1 17 ? -4.387  10.802  0.080   1.00 57.96  ? 17  LYS A CE  1 
ATOM   82  N NZ  . LYS A 1 17 ? -3.372  11.530  0.890   1.00 55.75  ? 17  LYS A NZ  1 
ATOM   83  N N   . MET A 1 18 ? -3.113  4.837   -1.022  1.00 34.52  ? 18  MET A N   1 
ATOM   84  C CA  . MET A 1 18 ? -4.152  3.959   -1.559  1.00 36.55  ? 18  MET A CA  1 
ATOM   85  C C   . MET A 1 18 ? -4.348  2.714   -0.685  1.00 34.62  ? 18  MET A C   1 
ATOM   86  O O   . MET A 1 18 ? -5.471  2.324   -0.401  1.00 31.30  ? 18  MET A O   1 
ATOM   87  C CB  . MET A 1 18 ? -3.807  3.556   -2.994  1.00 43.42  ? 18  MET A CB  1 
ATOM   88  C CG  . MET A 1 18 ? -4.858  2.722   -3.708  1.00 51.84  ? 18  MET A CG  1 
ATOM   89  S SD  . MET A 1 18 ? -4.389  0.989   -3.890  1.00 64.93  ? 18  MET A SD  1 
ATOM   90  C CE  . MET A 1 18 ? -2.939  1.130   -4.922  1.00 49.41  ? 18  MET A CE  1 
ATOM   91  N N   . ALA A 1 19 ? -3.249  2.085   -0.272  1.00 32.72  ? 19  ALA A N   1 
ATOM   92  C CA  . ALA A 1 19 ? -3.330  0.897   0.562   1.00 31.94  ? 19  ALA A CA  1 
ATOM   93  C C   . ALA A 1 19 ? -3.912  1.233   1.934   1.00 32.56  ? 19  ALA A C   1 
ATOM   94  O O   . ALA A 1 19 ? -4.650  0.440   2.511   1.00 34.27  ? 19  ALA A O   1 
ATOM   95  C CB  . ALA A 1 19 ? -1.960  0.247   0.713   1.00 27.63  ? 19  ALA A CB  1 
ATOM   96  N N   . VAL A 1 20 ? -3.577  2.406   2.454   1.00 26.03  ? 20  VAL A N   1 
ATOM   97  C CA  . VAL A 1 20 ? -4.103  2.818   3.741   1.00 32.28  ? 20  VAL A CA  1 
ATOM   98  C C   . VAL A 1 20 ? -5.629  2.889   3.678   1.00 31.80  ? 20  VAL A C   1 
ATOM   99  O O   . VAL A 1 20 ? -6.309  2.385   4.562   1.00 31.55  ? 20  VAL A O   1 
ATOM   100 C CB  . VAL A 1 20 ? -3.511  4.161   4.207   1.00 33.15  ? 20  VAL A CB  1 
ATOM   101 C CG1 . VAL A 1 20 ? -4.218  4.631   5.449   1.00 40.20  ? 20  VAL A CG1 1 
ATOM   102 C CG2 . VAL A 1 20 ? -2.026  4.011   4.487   1.00 31.24  ? 20  VAL A CG2 1 
ATOM   103 N N   . LYS A 1 21 ? -6.160  3.488   2.619   1.00 39.99  ? 21  LYS A N   1 
ATOM   104 C CA  . LYS A 1 21 ? -7.606  3.502   2.399   1.00 40.30  ? 21  LYS A CA  1 
ATOM   105 C C   . LYS A 1 21 ? -8.193  2.092   2.353   1.00 45.00  ? 21  LYS A C   1 
ATOM   106 O O   . LYS A 1 21 ? -9.274  1.846   2.887   1.00 46.79  ? 21  LYS A O   1 
ATOM   107 C CB  . LYS A 1 21 ? -7.948  4.233   1.102   1.00 37.75  ? 21  LYS A CB  1 
ATOM   108 C CG  . LYS A 1 21 ? -7.761  5.738   1.147   1.00 39.38  ? 21  LYS A CG  1 
ATOM   109 C CD  . LYS A 1 21 ? -7.960  6.326   -0.240  1.00 45.92  ? 21  LYS A CD  1 
ATOM   110 C CE  . LYS A 1 21 ? -8.455  7.765   -0.199  1.00 46.71  ? 21  LYS A CE  1 
ATOM   111 N NZ  . LYS A 1 21 ? -7.692  8.597   0.755   1.00 47.06  ? 21  LYS A NZ  1 
ATOM   112 N N   . LEU A 1 22 ? -7.478  1.170   1.712   1.00 36.15  ? 22  LEU A N   1 
ATOM   113 C CA  . LEU A 1 22 ? -7.932  -0.209  1.571   1.00 34.99  ? 22  LEU A CA  1 
ATOM   114 C C   . LEU A 1 22 ? -8.000  -0.944  2.901   1.00 40.39  ? 22  LEU A C   1 
ATOM   115 O O   . LEU A 1 22 ? -8.905  -1.742  3.132   1.00 41.72  ? 22  LEU A O   1 
ATOM   116 C CB  . LEU A 1 22 ? -6.986  -0.979  0.651   1.00 43.46  ? 22  LEU A CB  1 
ATOM   117 C CG  . LEU A 1 22 ? -7.475  -1.387  -0.739  1.00 52.43  ? 22  LEU A CG  1 
ATOM   118 C CD1 . LEU A 1 22 ? -8.774  -2.168  -0.633  1.00 54.92  ? 22  LEU A CD1 1 
ATOM   119 C CD2 . LEU A 1 22 ? -7.643  -0.175  -1.633  1.00 51.23  ? 22  LEU A CD2 1 
ATOM   120 N N   . ILE A 1 23 ? -7.025  -0.688  3.766   1.00 34.20  ? 23  ILE A N   1 
ATOM   121 C CA  . ILE A 1 23 ? -6.819  -1.512  4.952   1.00 32.50  ? 23  ILE A CA  1 
ATOM   122 C C   . ILE A 1 23 ? -7.500  -0.967  6.204   1.00 39.30  ? 23  ILE A C   1 
ATOM   123 O O   . ILE A 1 23 ? -8.013  -1.729  7.023   1.00 38.72  ? 23  ILE A O   1 
ATOM   124 C CB  . ILE A 1 23 ? -5.312  -1.645  5.249   1.00 37.83  ? 23  ILE A CB  1 
ATOM   125 C CG1 . ILE A 1 23 ? -4.646  -2.536  4.202   1.00 37.59  ? 23  ILE A CG1 1 
ATOM   126 C CG2 . ILE A 1 23 ? -5.077  -2.202  6.653   1.00 38.19  ? 23  ILE A CG2 1 
ATOM   127 C CD1 . ILE A 1 23 ? -3.147  -2.470  4.224   1.00 35.55  ? 23  ILE A CD1 1 
ATOM   128 N N   . VAL A 1 24 ? -7.487  0.353   6.360   1.00 40.78  ? 24  VAL A N   1 
ATOM   129 C CA  . VAL A 1 24 ? -7.845  0.961   7.636   1.00 45.14  ? 24  VAL A CA  1 
ATOM   130 C C   . VAL A 1 24 ? -9.291  0.747   8.098   1.00 47.86  ? 24  VAL A C   1 
ATOM   131 O O   . VAL A 1 24 ? -9.520  0.426   9.263   1.00 49.37  ? 24  VAL A O   1 
ATOM   132 C CB  . VAL A 1 24 ? -7.478  2.450   7.690   1.00 51.81  ? 24  VAL A CB  1 
ATOM   133 C CG1 . VAL A 1 24 ? -8.221  3.120   8.814   1.00 56.20  ? 24  VAL A CG1 1 
ATOM   134 C CG2 . VAL A 1 24 ? -5.982  2.607   7.886   1.00 47.75  ? 24  VAL A CG2 1 
ATOM   135 N N   . PRO A 1 25 ? -10.266 0.913   7.193   1.00 46.34  ? 25  PRO A N   1 
ATOM   136 C CA  . PRO A 1 25 ? -11.675 0.768   7.578   1.00 48.25  ? 25  PRO A CA  1 
ATOM   137 C C   . PRO A 1 25 ? -12.114 -0.672  7.778   1.00 51.26  ? 25  PRO A C   1 
ATOM   138 O O   . PRO A 1 25 ? -13.277 -0.904  8.088   1.00 54.63  ? 25  PRO A O   1 
ATOM   139 C CB  . PRO A 1 25 ? -12.426 1.371   6.386   1.00 45.82  ? 25  PRO A CB  1 
ATOM   140 C CG  . PRO A 1 25 ? -11.508 1.225   5.255   1.00 46.72  ? 25  PRO A CG  1 
ATOM   141 C CD  . PRO A 1 25 ? -10.125 1.391   5.812   1.00 43.34  ? 25  PRO A CD  1 
ATOM   142 N N   . GLU A 1 26 ? -11.204 -1.622  7.614   1.00 49.29  ? 26  GLU A N   1 
ATOM   143 C CA  . GLU A 1 26 ? -11.586 -3.029  7.573   1.00 53.31  ? 26  GLU A CA  1 
ATOM   144 C C   . GLU A 1 26 ? -11.464 -3.741  8.909   1.00 61.85  ? 26  GLU A C   1 
ATOM   145 O O   . GLU A 1 26 ? -10.361 -3.937  9.419   1.00 59.78  ? 26  GLU A O   1 
ATOM   146 C CB  . GLU A 1 26 ? -10.776 -3.770  6.513   1.00 58.70  ? 26  GLU A CB  1 
ATOM   147 C CG  . GLU A 1 26 ? -11.148 -3.378  5.103   1.00 56.65  ? 26  GLU A CG  1 
ATOM   148 C CD  . GLU A 1 26 ? -12.582 -3.753  4.747   1.00 60.27  ? 26  GLU A CD  1 
ATOM   149 O OE1 . GLU A 1 26 ? -13.105 -3.220  3.749   1.00 55.14  ? 26  GLU A OE1 1 
ATOM   150 O OE2 . GLU A 1 26 ? -13.184 -4.589  5.454   1.00 62.57  ? 26  GLU A OE2 1 
ATOM   151 N N   . ALA A 1 27 ? -12.608 -4.142  9.455   1.00 83.17  ? 27  ALA A N   1 
ATOM   152 C CA  . ALA A 1 27 ? -12.661 -4.863  10.721  1.00 84.02  ? 27  ALA A CA  1 
ATOM   153 C C   . ALA A 1 27 ? -11.796 -6.117  10.666  1.00 89.98  ? 27  ALA A C   1 
ATOM   154 O O   . ALA A 1 27 ? -11.108 -6.459  11.631  1.00 88.17  ? 27  ALA A O   1 
ATOM   155 C CB  . ALA A 1 27 ? -14.099 -5.227  11.053  1.00 111.00 ? 27  ALA A CB  1 
ATOM   156 N N   . ASP A 1 28 ? -11.842 -6.794  9.524   1.00 109.26 ? 28  ASP A N   1 
ATOM   157 C CA  . ASP A 1 28 ? -11.090 -8.024  9.314   1.00 112.14 ? 28  ASP A CA  1 
ATOM   158 C C   . ASP A 1 28 ? -9.877  -7.792  8.418   1.00 113.01 ? 28  ASP A C   1 
ATOM   159 O O   . ASP A 1 28 ? -9.926  -8.036  7.212   1.00 114.25 ? 28  ASP A O   1 
ATOM   160 C CB  . ASP A 1 28 ? -12.000 -9.095  8.707   1.00 103.14 ? 28  ASP A CB  1 
ATOM   161 C CG  . ASP A 1 28 ? -12.985 -8.521  7.696   1.00 104.28 ? 28  ASP A CG  1 
ATOM   162 O OD1 . ASP A 1 28 ? -14.091 -9.082  7.557   1.00 108.58 ? 28  ASP A OD1 1 
ATOM   163 O OD2 . ASP A 1 28 ? -12.657 -7.506  7.043   1.00 99.82  ? 28  ASP A OD2 1 
ATOM   164 N N   . LYS A 1 29 ? -8.789  -7.311  9.012   1.00 117.80 ? 29  LYS A N   1 
ATOM   165 C CA  . LYS A 1 29 ? -7.558  -7.090  8.265   1.00 119.15 ? 29  LYS A CA  1 
ATOM   166 C C   . LYS A 1 29 ? -6.912  -8.422  7.916   1.00 126.01 ? 29  LYS A C   1 
ATOM   167 O O   . LYS A 1 29 ? -6.635  -9.238  8.796   1.00 135.09 ? 29  LYS A O   1 
ATOM   168 C CB  . LYS A 1 29 ? -6.579  -6.230  9.067   1.00 91.64  ? 29  LYS A CB  1 
ATOM   169 C CG  . LYS A 1 29 ? -6.959  -4.764  9.163   1.00 80.42  ? 29  LYS A CG  1 
ATOM   170 C CD  . LYS A 1 29 ? -6.052  -4.032  10.142  1.00 73.34  ? 29  LYS A CD  1 
ATOM   171 C CE  . LYS A 1 29 ? -6.517  -2.604  10.336  1.00 69.63  ? 29  LYS A CE  1 
ATOM   172 N NZ  . LYS A 1 29 ? -7.994  -2.554  10.505  1.00 68.93  ? 29  LYS A NZ  1 
ATOM   173 N N   . ASP A 1 30 ? -6.679  -8.634  6.625   1.00 111.00 ? 30  ASP A N   1 
ATOM   174 C CA  . ASP A 1 30 ? -6.067  -9.865  6.141   1.00 116.92 ? 30  ASP A CA  1 
ATOM   175 C C   . ASP A 1 30 ? -5.871  -9.815  4.629   1.00 117.06 ? 30  ASP A C   1 
ATOM   176 O O   . ASP A 1 30 ? -6.563  -9.074  3.928   1.00 111.90 ? 30  ASP A O   1 
ATOM   177 C CB  . ASP A 1 30 ? -6.914  -11.073 6.531   1.00 96.97  ? 30  ASP A CB  1 
ATOM   178 N N   . LEU A 1 31 ? -4.919  -10.603 4.139   1.00 130.76 ? 31  LEU A N   1 
ATOM   179 C CA  . LEU A 1 31 ? -4.646  -10.712 2.708   1.00 128.56 ? 31  LEU A CA  1 
ATOM   180 C C   . LEU A 1 31 ? -5.925  -10.856 1.894   1.00 125.74 ? 31  LEU A C   1 
ATOM   181 O O   . LEU A 1 31 ? -6.005  -10.369 0.766   1.00 127.27 ? 31  LEU A O   1 
ATOM   182 C CB  . LEU A 1 31 ? -3.714  -11.903 2.442   1.00 114.93 ? 31  LEU A CB  1 
ATOM   183 C CG  . LEU A 1 31 ? -3.813  -12.689 1.127   1.00 111.66 ? 31  LEU A CG  1 
ATOM   184 C CD1 . LEU A 1 31 ? -2.523  -13.451 0.858   1.00 104.24 ? 31  LEU A CD1 1 
ATOM   185 C CD2 . LEU A 1 31 ? -5.002  -13.646 1.127   1.00 114.06 ? 31  LEU A CD2 1 
ATOM   186 N N   . ASP A 1 32 ? -6.915  -11.524 2.485   1.00 114.98 ? 32  ASP A N   1 
ATOM   187 C CA  . ASP A 1 32 ? -8.143  -11.919 1.793   1.00 113.16 ? 32  ASP A CA  1 
ATOM   188 C C   . ASP A 1 32 ? -8.553  -10.992 0.651   1.00 106.63 ? 32  ASP A C   1 
ATOM   189 O O   . ASP A 1 32 ? -9.368  -10.089 0.829   1.00 103.27 ? 32  ASP A O   1 
ATOM   190 C CB  . ASP A 1 32 ? -9.305  -12.113 2.784   1.00 126.25 ? 32  ASP A CB  1 
ATOM   191 C CG  . ASP A 1 32 ? -9.714  -10.825 3.480   1.00 124.59 ? 32  ASP A CG  1 
ATOM   192 O OD1 . ASP A 1 32 ? -9.020  -10.413 4.433   1.00 125.48 ? 32  ASP A OD1 1 
ATOM   193 O OD2 . ASP A 1 32 ? -10.741 -10.233 3.086   1.00 118.53 ? 32  ASP A OD2 1 
ATOM   194 N N   . GLN A 1 33 ? -7.973  -11.231 -0.522  1.00 86.29  ? 33  GLN A N   1 
ATOM   195 C CA  . GLN A 1 33 ? -8.332  -10.509 -1.740  1.00 80.80  ? 33  GLN A CA  1 
ATOM   196 C C   . GLN A 1 33 ? -8.522  -8.998  -1.557  1.00 77.69  ? 33  GLN A C   1 
ATOM   197 O O   . GLN A 1 33 ? -9.146  -8.344  -2.402  1.00 64.81  ? 33  GLN A O   1 
ATOM   198 C CB  . GLN A 1 33 ? -9.566  -11.132 -2.386  1.00 108.85 ? 33  GLN A CB  1 
ATOM   199 N N   . LEU A 1 34 ? -8.008  -8.450  -0.454  1.00 62.35  ? 34  LEU A N   1 
ATOM   200 C CA  . LEU A 1 34 ? -7.773  -7.018  -0.393  1.00 55.01  ? 34  LEU A CA  1 
ATOM   201 C C   . LEU A 1 34 ? -6.624  -6.764  -1.357  1.00 43.46  ? 34  LEU A C   1 
ATOM   202 O O   . LEU A 1 34 ? -6.488  -5.672  -1.895  1.00 44.41  ? 34  LEU A O   1 
ATOM   203 C CB  . LEU A 1 34 ? -7.419  -6.550  1.023   1.00 50.62  ? 34  LEU A CB  1 
ATOM   204 C CG  . LEU A 1 34 ? -8.566  -6.341  2.022   1.00 52.12  ? 34  LEU A CG  1 
ATOM   205 C CD1 . LEU A 1 34 ? -8.039  -6.015  3.412   1.00 59.88  ? 34  LEU A CD1 1 
ATOM   206 C CD2 . LEU A 1 34 ? -9.508  -5.246  1.547   1.00 44.28  ? 34  LEU A CD2 1 
ATOM   207 N N   . GLU A 1 35 ? -5.823  -7.801  -1.593  1.00 53.02  ? 35  GLU A N   1 
ATOM   208 C CA  . GLU A 1 35 ? -4.702  -7.735  -2.530  1.00 53.17  ? 35  GLU A CA  1 
ATOM   209 C C   . GLU A 1 35 ? -5.144  -7.409  -3.945  1.00 49.13  ? 35  GLU A C   1 
ATOM   210 O O   . GLU A 1 35 ? -4.642  -6.466  -4.568  1.00 47.40  ? 35  GLU A O   1 
ATOM   211 C CB  . GLU A 1 35 ? -3.944  -9.060  -2.553  1.00 77.60  ? 35  GLU A CB  1 
ATOM   212 C CG  . GLU A 1 35 ? -3.232  -9.391  -1.265  1.00 81.83  ? 35  GLU A CG  1 
ATOM   213 C CD  . GLU A 1 35 ? -2.040  -10.298 -1.488  1.00 79.17  ? 35  GLU A CD  1 
ATOM   214 O OE1 . GLU A 1 35 ? -1.686  -10.535 -2.662  1.00 78.57  ? 35  GLU A OE1 1 
ATOM   215 O OE2 . GLU A 1 35 ? -1.456  -10.768 -0.487  1.00 88.10  ? 35  GLU A OE2 1 
ATOM   216 N N   . LYS A 1 36 ? -6.072  -8.209  -4.462  1.00 50.49  ? 36  LYS A N   1 
ATOM   217 C CA  . LYS A 1 36 ? -6.610  -7.986  -5.797  1.00 45.21  ? 36  LYS A CA  1 
ATOM   218 C C   . LYS A 1 36 ? -6.908  -6.511  -5.983  1.00 39.71  ? 36  LYS A C   1 
ATOM   219 O O   . LYS A 1 36 ? -6.388  -5.887  -6.903  1.00 41.23  ? 36  LYS A O   1 
ATOM   220 C CB  . LYS A 1 36 ? -7.863  -8.819  -6.014  1.00 81.44  ? 36  LYS A CB  1 
ATOM   221 N N   . GLU A 1 37 ? -7.731  -5.955  -5.094  1.00 43.79  ? 37  GLU A N   1 
ATOM   222 C CA  . GLU A 1 37 ? -8.040  -4.521  -5.114  1.00 42.08  ? 37  GLU A CA  1 
ATOM   223 C C   . GLU A 1 37 ? -6.780  -3.664  -5.123  1.00 42.60  ? 37  GLU A C   1 
ATOM   224 O O   . GLU A 1 37 ? -6.682  -2.720  -5.899  1.00 42.66  ? 37  GLU A O   1 
ATOM   225 C CB  . GLU A 1 37 ? -8.896  -4.124  -3.911  1.00 57.47  ? 37  GLU A CB  1 
ATOM   226 C CG  . GLU A 1 37 ? -10.317 -4.666  -3.907  1.00 62.50  ? 37  GLU A CG  1 
ATOM   227 C CD  . GLU A 1 37 ? -11.136 -4.134  -2.734  1.00 69.07  ? 37  GLU A CD  1 
ATOM   228 O OE1 . GLU A 1 37 ? -11.510 -4.949  -1.859  1.00 67.73  ? 37  GLU A OE1 1 
ATOM   229 O OE2 . GLU A 1 37 ? -11.395 -2.905  -2.683  1.00 62.80  ? 37  GLU A OE2 1 
ATOM   230 N N   . PHE A 1 38 ? -5.820  -3.982  -4.252  1.00 37.11  ? 38  PHE A N   1 
ATOM   231 C CA  . PHE A 1 38 ? -4.550  -3.256  -4.251  1.00 36.69  ? 38  PHE A CA  1 
ATOM   232 C C   . PHE A 1 38 ? -3.841  -3.360  -5.606  1.00 30.87  ? 38  PHE A C   1 
ATOM   233 O O   . PHE A 1 38 ? -3.353  -2.368  -6.151  1.00 29.34  ? 38  PHE A O   1 
ATOM   234 C CB  . PHE A 1 38 ? -3.611  -3.759  -3.135  1.00 36.17  ? 38  PHE A CB  1 
ATOM   235 C CG  . PHE A 1 38 ? -2.256  -3.097  -3.152  1.00 35.84  ? 38  PHE A CG  1 
ATOM   236 C CD1 . PHE A 1 38 ? -1.971  -2.044  -2.289  1.00 34.99  ? 38  PHE A CD1 1 
ATOM   237 C CD2 . PHE A 1 38 ? -1.281  -3.500  -4.057  1.00 31.20  ? 38  PHE A CD2 1 
ATOM   238 C CE1 . PHE A 1 38 ? -0.737  -1.425  -2.299  1.00 32.44  ? 38  PHE A CE1 1 
ATOM   239 C CE2 . PHE A 1 38 ? -0.047  -2.882  -4.081  1.00 33.61  ? 38  PHE A CE2 1 
ATOM   240 C CZ  . PHE A 1 38 ? 0.228   -1.844  -3.196  1.00 37.28  ? 38  PHE A CZ  1 
ATOM   241 N N   . ILE A 1 39 ? -3.754  -4.565  -6.147  1.00 39.15  ? 39  ILE A N   1 
ATOM   242 C CA  . ILE A 1 39 ? -3.010  -4.731  -7.394  1.00 42.60  ? 39  ILE A CA  1 
ATOM   243 C C   . ILE A 1 39 ? -3.616  -3.928  -8.554  1.00 42.66  ? 39  ILE A C   1 
ATOM   244 O O   . ILE A 1 39 ? -2.885  -3.294  -9.327  1.00 43.61  ? 39  ILE A O   1 
ATOM   245 C CB  . ILE A 1 39 ? -2.802  -6.213  -7.741  1.00 44.29  ? 39  ILE A CB  1 
ATOM   246 C CG1 . ILE A 1 39 ? -1.892  -6.853  -6.683  1.00 40.38  ? 39  ILE A CG1 1 
ATOM   247 C CG2 . ILE A 1 39 ? -2.199  -6.350  -9.132  1.00 45.88  ? 39  ILE A CG2 1 
ATOM   248 C CD1 . ILE A 1 39 ? -1.546  -8.297  -6.939  1.00 43.42  ? 39  ILE A CD1 1 
ATOM   249 N N   . GLN A 1 40 ? -4.944  -3.908  -8.652  1.00 44.09  ? 40  GLN A N   1 
ATOM   250 C CA  . GLN A 1 40 ? -5.611  -3.122  -9.703  1.00 42.51  ? 40  GLN A CA  1 
ATOM   251 C C   . GLN A 1 40 ? -5.323  -1.633  -9.562  1.00 43.52  ? 40  GLN A C   1 
ATOM   252 O O   . GLN A 1 40 ? -4.997  -0.962  -10.538 1.00 44.47  ? 40  GLN A O   1 
ATOM   253 C CB  . GLN A 1 40 ? -7.119  -3.360  -9.684  1.00 76.12  ? 40  GLN A CB  1 
ATOM   254 C CG  . GLN A 1 40 ? -7.517  -4.816  -9.528  1.00 75.36  ? 40  GLN A CG  1 
ATOM   255 C CD  . GLN A 1 40 ? -9.023  -4.999  -9.426  1.00 85.26  ? 40  GLN A CD  1 
ATOM   256 O OE1 . GLN A 1 40 ? -9.794  -4.118  -9.810  1.00 84.50  ? 40  GLN A OE1 1 
ATOM   257 N NE2 . GLN A 1 40 ? -9.449  -6.146  -8.899  1.00 83.09  ? 40  GLN A NE2 1 
ATOM   258 N N   . GLY A 1 41 ? -5.428  -1.107  -8.345  1.00 42.29  ? 41  GLY A N   1 
ATOM   259 C CA  . GLY A 1 41 ? -5.160  0.308   -8.135  1.00 37.84  ? 41  GLY A CA  1 
ATOM   260 C C   . GLY A 1 41 ? -3.682  0.619   -8.267  1.00 42.58  ? 41  GLY A C   1 
ATOM   261 O O   . GLY A 1 41 ? -3.289  1.733   -8.615  1.00 43.41  ? 41  GLY A O   1 
ATOM   262 N N   . CYS A 1 42 ? -2.846  -0.370  -7.963  1.00 40.61  ? 42  CYS A N   1 
ATOM   263 C CA  . CYS A 1 42 ? -1.417  -0.226  -8.183  1.00 40.75  ? 42  CYS A CA  1 
ATOM   264 C C   . CYS A 1 42 ? -1.136  -0.166  -9.692  1.00 37.00  ? 42  CYS A C   1 
ATOM   265 O O   . CYS A 1 42 ? -0.441  0.731   -10.158 1.00 38.09  ? 42  CYS A O   1 
ATOM   266 C CB  . CYS A 1 42 ? -0.652  -1.382  -7.526  1.00 40.99  ? 42  CYS A CB  1 
ATOM   267 S SG  . CYS A 1 42 ? 1.135   -1.325  -7.760  1.00 43.00  ? 42  CYS A SG  1 
ATOM   268 N N   . MET A 1 43 ? -1.674  -1.122  -10.443 1.00 44.51  ? 43  MET A N   1 
ATOM   269 C CA  . MET A 1 43 ? -1.563  -1.097  -11.913 1.00 52.82  ? 43  MET A CA  1 
ATOM   270 C C   . MET A 1 43 ? -1.999  0.253   -12.507 1.00 54.53  ? 43  MET A C   1 
ATOM   271 O O   . MET A 1 43 ? -1.258  0.891   -13.254 1.00 54.06  ? 43  MET A O   1 
ATOM   272 C CB  . MET A 1 43 ? -2.386  -2.221  -12.558 1.00 44.29  ? 43  MET A CB  1 
ATOM   273 C CG  . MET A 1 43 ? -1.962  -3.654  -12.206 1.00 37.05  ? 43  MET A CG  1 
ATOM   274 S SD  . MET A 1 43 ? -0.294  -4.106  -12.726 1.00 44.39  ? 43  MET A SD  1 
ATOM   275 C CE  . MET A 1 43 ? -0.404  -3.909  -14.512 1.00 38.62  ? 43  MET A CE  1 
ATOM   276 N N   . THR A 1 44 ? -3.207  0.686   -12.166 1.00 56.99  ? 44  THR A N   1 
ATOM   277 C CA  . THR A 1 44 ? -3.706  1.986   -12.609 1.00 54.85  ? 44  THR A CA  1 
ATOM   278 C C   . THR A 1 44 ? -2.667  3.090   -12.418 1.00 55.69  ? 44  THR A C   1 
ATOM   279 O O   . THR A 1 44 ? -2.588  4.025   -13.211 1.00 61.04  ? 44  THR A O   1 
ATOM   280 C CB  . THR A 1 44 ? -4.998  2.369   -11.850 1.00 62.52  ? 44  THR A CB  1 
ATOM   281 O OG1 . THR A 1 44 ? -6.057  1.463   -12.202 1.00 59.13  ? 44  THR A OG1 1 
ATOM   282 C CG2 . THR A 1 44 ? -5.414  3.789   -12.181 1.00 61.94  ? 44  THR A CG2 1 
ATOM   283 N N   . LEU A 1 45 ? -1.875  2.986   -11.356 1.00 53.00  ? 45  LEU A N   1 
ATOM   284 C CA  . LEU A 1 45 ? -0.853  3.990   -11.065 1.00 51.50  ? 45  LEU A CA  1 
ATOM   285 C C   . LEU A 1 45 ? 0.509   3.668   -11.715 1.00 59.61  ? 45  LEU A C   1 
ATOM   286 O O   . LEU A 1 45 ? 1.327   4.572   -11.897 1.00 54.49  ? 45  LEU A O   1 
ATOM   287 C CB  . LEU A 1 45 ? -0.681  4.179   -9.550  1.00 50.36  ? 45  LEU A CB  1 
ATOM   288 C CG  . LEU A 1 45 ? -1.735  4.925   -8.709  1.00 59.24  ? 45  LEU A CG  1 
ATOM   289 C CD1 . LEU A 1 45 ? -1.563  6.456   -8.720  1.00 44.31  ? 45  LEU A CD1 1 
ATOM   290 C CD2 . LEU A 1 45 ? -3.153  4.541   -9.132  1.00 58.35  ? 45  LEU A CD2 1 
ATOM   291 N N   . ILE A 1 46 ? 0.763   2.393   -12.038 1.00 72.98  ? 46  ILE A N   1 
ATOM   292 C CA  . ILE A 1 46 ? 2.045   1.994   -12.651 1.00 74.80  ? 46  ILE A CA  1 
ATOM   293 C C   . ILE A 1 46 ? 1.978   0.817   -13.651 1.00 72.91  ? 46  ILE A C   1 
ATOM   294 O O   . ILE A 1 46 ? 2.948   0.071   -13.805 1.00 67.70  ? 46  ILE A O   1 
ATOM   295 C CB  . ILE A 1 46 ? 3.150   1.679   -11.594 1.00 33.13  ? 46  ILE A CB  1 
ATOM   296 C CG1 . ILE A 1 46 ? 3.054   0.242   -11.085 1.00 37.77  ? 46  ILE A CG1 1 
ATOM   297 C CG2 . ILE A 1 46 ? 3.097   2.646   -10.407 1.00 37.67  ? 46  ILE A CG2 1 
ATOM   298 C CD1 . ILE A 1 46 ? 4.324   -0.227  -10.424 1.00 30.22  ? 46  ILE A CD1 1 
ATOM   299 N N   . GLY A 1 47 ? 0.852   0.668   -14.344 1.00 48.69  ? 47  GLY A N   1 
ATOM   300 C CA  . GLY A 1 47 ? 0.672   -0.404  -15.317 1.00 47.38  ? 47  GLY A CA  1 
ATOM   301 C C   . GLY A 1 47 ? 1.502   -0.233  -16.584 1.00 46.37  ? 47  GLY A C   1 
ATOM   302 O O   . GLY A 1 47 ? 1.766   -1.204  -17.292 1.00 41.08  ? 47  GLY A O   1 
ATOM   303 N N   . TRP A 1 48 ? 1.925   1.006   -16.836 1.00 51.40  ? 48  TRP A N   1 
ATOM   304 C CA  . TRP A 1 48 ? 2.702   1.410   -18.013 1.00 47.12  ? 48  TRP A CA  1 
ATOM   305 C C   . TRP A 1 48 ? 4.191   1.368   -17.697 1.00 45.24  ? 48  TRP A C   1 
ATOM   306 O O   . TRP A 1 48 ? 4.921   2.331   -17.930 1.00 44.80  ? 48  TRP A O   1 
ATOM   307 C CB  . TRP A 1 48 ? 2.347   2.846   -18.306 1.00 40.57  ? 48  TRP A CB  1 
ATOM   308 C CG  . TRP A 1 48 ? 2.271   3.491   -17.023 1.00 43.29  ? 48  TRP A CG  1 
ATOM   309 C CD1 . TRP A 1 48 ? 1.177   3.560   -16.199 1.00 49.48  ? 48  TRP A CD1 1 
ATOM   310 C CD2 . TRP A 1 48 ? 3.355   4.069   -16.305 1.00 47.97  ? 48  TRP A CD2 1 
ATOM   311 N NE1 . TRP A 1 48 ? 1.510   4.189   -15.024 1.00 51.85  ? 48  TRP A NE1 1 
ATOM   312 C CE2 . TRP A 1 48 ? 2.844   4.506   -15.061 1.00 51.93  ? 48  TRP A CE2 1 
ATOM   313 C CE3 . TRP A 1 48 ? 4.704   4.282   -16.596 1.00 42.92  ? 48  TRP A CE3 1 
ATOM   314 C CZ2 . TRP A 1 48 ? 3.631   5.137   -14.122 1.00 45.27  ? 48  TRP A CZ2 1 
ATOM   315 C CZ3 . TRP A 1 48 ? 5.486   4.900   -15.659 1.00 49.86  ? 48  TRP A CZ3 1 
ATOM   316 C CH2 . TRP A 1 48 ? 4.950   5.317   -14.433 1.00 50.79  ? 48  TRP A CH2 1 
ATOM   317 N N   . LEU A 1 49 ? 4.638   0.269   -17.121 1.00 34.45  ? 49  LEU A N   1 
ATOM   318 C CA  . LEU A 1 49 ? 6.057   0.050   -16.911 1.00 36.24  ? 49  LEU A CA  1 
ATOM   319 C C   . LEU A 1 49 ? 6.298   -1.375  -17.353 1.00 30.12  ? 49  LEU A C   1 
ATOM   320 O O   . LEU A 1 49 ? 5.447   -2.233  -17.133 1.00 27.70  ? 49  LEU A O   1 
ATOM   321 C CB  . LEU A 1 49 ? 6.434   0.197   -15.431 1.00 30.76  ? 49  LEU A CB  1 
ATOM   322 C CG  . LEU A 1 49 ? 6.746   1.570   -14.836 1.00 32.47  ? 49  LEU A CG  1 
ATOM   323 C CD1 . LEU A 1 49 ? 7.148   1.414   -13.392 1.00 31.47  ? 49  LEU A CD1 1 
ATOM   324 C CD2 . LEU A 1 49 ? 7.834   2.281   -15.611 1.00 35.98  ? 49  LEU A CD2 1 
ATOM   325 N N   . PRO A 1 50 ? 7.462   -1.637  -17.948 1.00 32.17  ? 50  PRO A N   1 
ATOM   326 C CA  . PRO A 1 50 ? 7.781   -2.975  -18.461 1.00 31.20  ? 50  PRO A CA  1 
ATOM   327 C C   . PRO A 1 50 ? 7.562   -4.091  -17.419 1.00 29.41  ? 50  PRO A C   1 
ATOM   328 O O   . PRO A 1 50 ? 7.149   -5.181  -17.794 1.00 28.49  ? 50  PRO A O   1 
ATOM   329 C CB  . PRO A 1 50 ? 9.261   -2.859  -18.845 1.00 29.18  ? 50  PRO A CB  1 
ATOM   330 C CG  . PRO A 1 50 ? 9.493   -1.383  -19.069 1.00 25.07  ? 50  PRO A CG  1 
ATOM   331 C CD  . PRO A 1 50 ? 8.578   -0.685  -18.104 1.00 27.70  ? 50  PRO A CD  1 
ATOM   332 N N   . TYR A 1 51 ? 7.800   -3.835  -16.136 1.00 23.73  ? 51  TYR A N   1 
ATOM   333 C CA  . TYR A 1 51 ? 7.638   -4.897  -15.119 1.00 23.81  ? 51  TYR A CA  1 
ATOM   334 C C   . TYR A 1 51 ? 6.652   -4.493  -14.032 1.00 25.80  ? 51  TYR A C   1 
ATOM   335 O O   . TYR A 1 51 ? 6.817   -4.833  -12.858 1.00 28.66  ? 51  TYR A O   1 
ATOM   336 C CB  . TYR A 1 51 ? 9.012   -5.329  -14.557 1.00 25.87  ? 51  TYR A CB  1 
ATOM   337 C CG  . TYR A 1 51 ? 9.863   -5.877  -15.667 1.00 24.42  ? 51  TYR A CG  1 
ATOM   338 C CD1 . TYR A 1 51 ? 9.657   -7.160  -16.141 1.00 23.25  ? 51  TYR A CD1 1 
ATOM   339 C CD2 . TYR A 1 51 ? 10.805  -5.088  -16.300 1.00 22.36  ? 51  TYR A CD2 1 
ATOM   340 C CE1 . TYR A 1 51 ? 10.380  -7.653  -17.191 1.00 29.52  ? 51  TYR A CE1 1 
ATOM   341 C CE2 . TYR A 1 51 ? 11.542  -5.574  -17.344 1.00 22.35  ? 51  TYR A CE2 1 
ATOM   342 C CZ  . TYR A 1 51 ? 11.324  -6.861  -17.796 1.00 29.58  ? 51  TYR A CZ  1 
ATOM   343 O OH  . TYR A 1 51 ? 12.037  -7.364  -18.869 1.00 24.70  ? 51  TYR A OH  1 
ATOM   344 N N   . ALA A 1 52 ? 5.629   -3.752  -14.455 1.00 34.73  ? 52  ALA A N   1 
ATOM   345 C CA  . ALA A 1 52 ? 4.538   -3.285  -13.601 1.00 37.04  ? 52  ALA A CA  1 
ATOM   346 C C   . ALA A 1 52 ? 3.896   -4.367  -12.751 1.00 38.39  ? 52  ALA A C   1 
ATOM   347 O O   . ALA A 1 52 ? 3.711   -4.195  -11.549 1.00 40.44  ? 52  ALA A O   1 
ATOM   348 C CB  . ALA A 1 52 ? 3.472   -2.604  -14.458 1.00 33.53  ? 52  ALA A CB  1 
ATOM   349 N N   . GLU A 1 53 ? 3.537   -5.483  -13.360 1.00 28.62  ? 53  GLU A N   1 
ATOM   350 C CA  . GLU A 1 53 ? 2.868   -6.537  -12.607 1.00 35.13  ? 53  GLU A CA  1 
ATOM   351 C C   . GLU A 1 53 ? 3.731   -7.023  -11.462 1.00 34.20  ? 53  GLU A C   1 
ATOM   352 O O   . GLU A 1 53 ? 3.242   -7.351  -10.378 1.00 37.31  ? 53  GLU A O   1 
ATOM   353 C CB  . GLU A 1 53 ? 2.518   -7.716  -13.505 1.00 50.81  ? 53  GLU A CB  1 
ATOM   354 C CG  . GLU A 1 53 ? 1.036   -7.968  -13.614 1.00 57.00  ? 53  GLU A CG  1 
ATOM   355 C CD  . GLU A 1 53 ? 0.717   -9.409  -13.954 1.00 63.85  ? 53  GLU A CD  1 
ATOM   356 O OE1 . GLU A 1 53 ? 0.730   -9.757  -15.156 1.00 70.26  ? 53  GLU A OE1 1 
ATOM   357 O OE2 . GLU A 1 53 ? 0.457   -10.194 -13.013 1.00 70.17  ? 53  GLU A OE2 1 
ATOM   358 N N   . LYS A 1 54 ? 5.025   -7.104  -11.727 1.00 36.33  ? 54  LYS A N   1 
ATOM   359 C CA  . LYS A 1 54 ? 5.963   -7.600  -10.747 1.00 31.86  ? 54  LYS A CA  1 
ATOM   360 C C   . LYS A 1 54 ? 6.111   -6.585  -9.605  1.00 29.45  ? 54  LYS A C   1 
ATOM   361 O O   . LYS A 1 54 ? 6.126   -6.969  -8.448  1.00 29.95  ? 54  LYS A O   1 
ATOM   362 C CB  . LYS A 1 54 ? 7.302   -7.902  -11.420 1.00 29.38  ? 54  LYS A CB  1 
ATOM   363 C CG  . LYS A 1 54 ? 8.396   -8.343  -10.474 1.00 28.30  ? 54  LYS A CG  1 
ATOM   364 C CD  . LYS A 1 54 ? 9.741   -8.355  -11.180 1.00 32.03  ? 54  LYS A CD  1 
ATOM   365 C CE  . LYS A 1 54 ? 9.772   -9.403  -12.268 1.00 30.88  ? 54  LYS A CE  1 
ATOM   366 N NZ  . LYS A 1 54 ? 9.697   -10.767 -11.669 1.00 40.17  ? 54  LYS A NZ  1 
ATOM   367 N N   . GLU A 1 55 ? 6.201   -5.301  -9.938  1.00 29.52  ? 55  GLU A N   1 
ATOM   368 C CA  . GLU A 1 55 ? 6.244   -4.236  -8.930  1.00 29.91  ? 55  GLU A CA  1 
ATOM   369 C C   . GLU A 1 55 ? 5.045   -4.323  -8.019  1.00 31.47  ? 55  GLU A C   1 
ATOM   370 O O   . GLU A 1 55 ? 5.171   -4.256  -6.796  1.00 26.56  ? 55  GLU A O   1 
ATOM   371 C CB  . GLU A 1 55 ? 6.222   -2.858  -9.591  1.00 27.05  ? 55  GLU A CB  1 
ATOM   372 C CG  . GLU A 1 55 ? 7.309   -2.636  -10.656 1.00 29.12  ? 55  GLU A CG  1 
ATOM   373 C CD  . GLU A 1 55 ? 8.698   -2.462  -10.056 1.00 31.11  ? 55  GLU A CD  1 
ATOM   374 O OE1 . GLU A 1 55 ? 9.620   -2.107  -10.808 1.00 28.46  ? 55  GLU A OE1 1 
ATOM   375 O OE2 . GLU A 1 55 ? 8.868   -2.673  -8.835  1.00 26.07  ? 55  GLU A OE2 1 
ATOM   376 N N   . CYS A 1 56 ? 3.867   -4.456  -8.625  1.00 29.62  ? 56  CYS A N   1 
ATOM   377 C CA  . CYS A 1 56 ? 2.620   -4.450  -7.873  1.00 28.45  ? 56  CYS A CA  1 
ATOM   378 C C   . CYS A 1 56 ? 2.440   -5.678  -6.993  1.00 30.04  ? 56  CYS A C   1 
ATOM   379 O O   . CYS A 1 56 ? 1.902   -5.577  -5.883  1.00 29.47  ? 56  CYS A O   1 
ATOM   380 C CB  . CYS A 1 56 ? 1.423   -4.241  -8.801  1.00 33.29  ? 56  CYS A CB  1 
ATOM   381 S SG  . CYS A 1 56 ? 1.331   -2.548  -9.414  1.00 34.49  ? 56  CYS A SG  1 
ATOM   382 N N   . LYS A 1 57 ? 2.883   -6.838  -7.466  1.00 28.57  ? 57  LYS A N   1 
ATOM   383 C CA  . LYS A 1 57 ? 2.778   -8.041  -6.649  1.00 29.31  ? 57  LYS A CA  1 
ATOM   384 C C   . LYS A 1 57 ? 3.578   -7.860  -5.365  1.00 32.56  ? 57  LYS A C   1 
ATOM   385 O O   . LYS A 1 57 ? 3.122   -8.230  -4.282  1.00 32.05  ? 57  LYS A O   1 
ATOM   386 C CB  . LYS A 1 57 ? 3.289   -9.272  -7.388  1.00 42.95  ? 57  LYS A CB  1 
ATOM   387 C CG  . LYS A 1 57 ? 2.433   -9.712  -8.561  1.00 46.97  ? 57  LYS A CG  1 
ATOM   388 C CD  . LYS A 1 57 ? 2.953   -11.030 -9.127  1.00 52.31  ? 57  LYS A CD  1 
ATOM   389 C CE  . LYS A 1 57 ? 2.432   -11.290 -10.535 1.00 56.99  ? 57  LYS A CE  1 
ATOM   390 N NZ  . LYS A 1 57 ? 3.123   -12.464 -11.144 1.00 64.35  ? 57  LYS A NZ  1 
ATOM   391 N N   . ALA A 1 58 ? 4.775   -7.290  -5.498  1.00 25.28  ? 58  ALA A N   1 
ATOM   392 C CA  . ALA A 1 58 ? 5.675   -7.116  -4.369  1.00 26.36  ? 58  ALA A CA  1 
ATOM   393 C C   . ALA A 1 58 ? 5.200   -5.997  -3.438  1.00 24.33  ? 58  ALA A C   1 
ATOM   394 O O   . ALA A 1 58 ? 5.283   -6.130  -2.235  1.00 23.20  ? 58  ALA A O   1 
ATOM   395 C CB  . ALA A 1 58 ? 7.084   -6.821  -4.859  1.00 20.28  ? 58  ALA A CB  1 
ATOM   396 N N   . LEU A 1 59 ? 4.734   -4.890  -4.007  1.00 24.15  ? 59  LEU A N   1 
ATOM   397 C CA  . LEU A 1 59 ? 4.289   -3.768  -3.205  1.00 26.54  ? 59  LEU A CA  1 
ATOM   398 C C   . LEU A 1 59 ? 3.072   -4.159  -2.391  1.00 31.79  ? 59  LEU A C   1 
ATOM   399 O O   . LEU A 1 59 ? 2.854   -3.628  -1.305  1.00 31.43  ? 59  LEU A O   1 
ATOM   400 C CB  . LEU A 1 59 ? 3.996   -2.539  -4.063  1.00 22.49  ? 59  LEU A CB  1 
ATOM   401 C CG  . LEU A 1 59 ? 5.249   -1.878  -4.622  1.00 24.84  ? 59  LEU A CG  1 
ATOM   402 C CD1 . LEU A 1 59 ? 4.898   -0.914  -5.744  1.00 26.59  ? 59  LEU A CD1 1 
ATOM   403 C CD2 . LEU A 1 59 ? 6.031   -1.191  -3.517  1.00 16.91  ? 59  LEU A CD2 1 
ATOM   404 N N   . ALA A 1 60 ? 2.287   -5.100  -2.902  1.00 34.99  ? 60  ALA A N   1 
ATOM   405 C CA  . ALA A 1 60 ? 1.085   -5.516  -2.200  1.00 34.73  ? 60  ALA A CA  1 
ATOM   406 C C   . ALA A 1 60 ? 1.457   -6.076  -0.847  1.00 36.75  ? 60  ALA A C   1 
ATOM   407 O O   . ALA A 1 60 ? 0.879   -5.683  0.156   1.00 38.90  ? 60  ALA A O   1 
ATOM   408 C CB  . ALA A 1 60 ? 0.318   -6.538  -3.000  1.00 29.51  ? 60  ALA A CB  1 
ATOM   409 N N   . LYS A 1 61 ? 2.417   -6.998  -0.830  1.00 37.54  ? 61  LYS A N   1 
ATOM   410 C CA  . LYS A 1 61 ? 2.930   -7.576  0.409   1.00 38.65  ? 61  LYS A CA  1 
ATOM   411 C C   . LYS A 1 61 ? 3.713   -6.572  1.267   1.00 40.31  ? 61  LYS A C   1 
ATOM   412 O O   . LYS A 1 61 ? 3.506   -6.496  2.479   1.00 38.42  ? 61  LYS A O   1 
ATOM   413 C CB  . LYS A 1 61 ? 3.801   -8.795  0.108   1.00 44.47  ? 61  LYS A CB  1 
ATOM   414 C CG  . LYS A 1 61 ? 3.064   -9.947  -0.587  1.00 49.83  ? 61  LYS A CG  1 
ATOM   415 C CD  . LYS A 1 61 ? 2.009   -10.562 0.328   1.00 55.29  ? 61  LYS A CD  1 
ATOM   416 C CE  . LYS A 1 61 ? 1.591   -11.960 -0.130  1.00 53.80  ? 61  LYS A CE  1 
ATOM   417 N NZ  . LYS A 1 61 ? 0.900   -11.946 -1.442  1.00 60.43  ? 61  LYS A NZ  1 
ATOM   418 N N   . ILE A 1 62 ? 4.604   -5.803  0.643   1.00 33.41  ? 62  ILE A N   1 
ATOM   419 C CA  . ILE A 1 62 ? 5.432   -4.834  1.376   1.00 31.40  ? 62  ILE A CA  1 
ATOM   420 C C   . ILE A 1 62 ? 4.610   -3.704  1.996   1.00 32.80  ? 62  ILE A C   1 
ATOM   421 O O   . ILE A 1 62 ? 4.776   -3.390  3.158   1.00 29.74  ? 62  ILE A O   1 
ATOM   422 C CB  . ILE A 1 62 ? 6.489   -4.191  0.464   1.00 30.42  ? 62  ILE A CB  1 
ATOM   423 C CG1 . ILE A 1 62 ? 7.492   -5.232  -0.023  1.00 26.56  ? 62  ILE A CG1 1 
ATOM   424 C CG2 . ILE A 1 62 ? 7.213   -3.033  1.179   1.00 30.00  ? 62  ILE A CG2 1 
ATOM   425 C CD1 . ILE A 1 62 ? 8.465   -4.671  -1.030  1.00 29.64  ? 62  ILE A CD1 1 
ATOM   426 N N   . GLU A 1 63 ? 3.733   -3.087  1.210   1.00 26.07  ? 63  GLU A N   1 
ATOM   427 C CA  . GLU A 1 63 ? 2.986   -1.930  1.665   1.00 26.82  ? 63  GLU A CA  1 
ATOM   428 C C   . GLU A 1 63 ? 1.908   -2.310  2.667   1.00 33.59  ? 63  GLU A C   1 
ATOM   429 O O   . GLU A 1 63 ? 1.781   -1.682  3.720   1.00 32.85  ? 63  GLU A O   1 
ATOM   430 C CB  . GLU A 1 63 ? 2.351   -1.194  0.485   1.00 36.80  ? 63  GLU A CB  1 
ATOM   431 C CG  . GLU A 1 63 ? 3.357   -0.555  -0.442  1.00 38.85  ? 63  GLU A CG  1 
ATOM   432 C CD  . GLU A 1 63 ? 4.208   0.509   0.250   1.00 40.52  ? 63  GLU A CD  1 
ATOM   433 O OE1 . GLU A 1 63 ? 3.637   1.470   0.793   1.00 36.72  ? 63  GLU A OE1 1 
ATOM   434 O OE2 . GLU A 1 63 ? 5.453   0.384   0.240   1.00 44.74  ? 63  GLU A OE2 1 
ATOM   435 N N   . MET A 1 64 ? 1.136   -3.335  2.337   1.00 35.96  ? 64  MET A N   1 
ATOM   436 C CA  . MET A 1 64 ? -0.011  -3.701  3.149   1.00 38.90  ? 64  MET A CA  1 
ATOM   437 C C   . MET A 1 64 ? 0.411   -4.358  4.445   1.00 33.50  ? 64  MET A C   1 
ATOM   438 O O   . MET A 1 64 ? -0.199  -4.129  5.483   1.00 39.34  ? 64  MET A O   1 
ATOM   439 C CB  . MET A 1 64 ? -0.960  -4.613  2.377   1.00 35.08  ? 64  MET A CB  1 
ATOM   440 C CG  . MET A 1 64 ? -1.625  -3.939  1.175   1.00 41.64  ? 64  MET A CG  1 
ATOM   441 S SD  . MET A 1 64 ? -2.684  -5.105  0.285   1.00 47.81  ? 64  MET A SD  1 
ATOM   442 C CE  . MET A 1 64 ? -3.992  -5.355  1.467   1.00 42.22  ? 64  MET A CE  1 
ATOM   443 N N   . GLY A 1 65 ? 1.448   -5.183  4.377   1.00 34.48  ? 65  GLY A N   1 
ATOM   444 C CA  . GLY A 1 65 ? 2.047   -5.767  5.564   1.00 28.50  ? 65  GLY A CA  1 
ATOM   445 C C   . GLY A 1 65 ? 2.559   -4.687  6.507   1.00 33.67  ? 65  GLY A C   1 
ATOM   446 O O   . GLY A 1 65 ? 2.270   -4.717  7.702   1.00 32.40  ? 65  GLY A O   1 
ATOM   447 N N   . ALA A 1 66 ? 3.306   -3.725  5.964   1.00 31.00  ? 66  ALA A N   1 
ATOM   448 C CA  . ALA A 1 66 ? 3.878   -2.636  6.762   1.00 30.00  ? 66  ALA A CA  1 
ATOM   449 C C   . ALA A 1 66 ? 2.786   -1.784  7.406   1.00 29.50  ? 66  ALA A C   1 
ATOM   450 O O   . ALA A 1 66 ? 2.833   -1.494  8.598   1.00 27.94  ? 66  ALA A O   1 
ATOM   451 C CB  . ALA A 1 66 ? 4.787   -1.772  5.900   1.00 17.56  ? 66  ALA A CB  1 
ATOM   452 N N   . ILE A 1 67 ? 1.792   -1.409  6.608   1.00 28.23  ? 67  ILE A N   1 
ATOM   453 C CA  . ILE A 1 67 ? 0.652   -0.632  7.087   1.00 30.81  ? 67  ILE A CA  1 
ATOM   454 C C   . ILE A 1 67 ? -0.108  -1.349  8.207   1.00 32.27  ? 67  ILE A C   1 
ATOM   455 O O   . ILE A 1 67 ? -0.450  -0.757  9.226   1.00 31.83  ? 67  ILE A O   1 
ATOM   456 C CB  . ILE A 1 67 ? -0.299  -0.295  5.919   1.00 32.13  ? 67  ILE A CB  1 
ATOM   457 C CG1 . ILE A 1 67 ? 0.374   0.720   4.983   1.00 31.08  ? 67  ILE A CG1 1 
ATOM   458 C CG2 . ILE A 1 67 ? -1.647  0.218   6.427   1.00 30.83  ? 67  ILE A CG2 1 
ATOM   459 C CD1 . ILE A 1 67 ? -0.299  0.869   3.621   1.00 31.73  ? 67  ILE A CD1 1 
ATOM   460 N N   . LYS A 1 68 ? -0.344  -2.638  8.034   1.00 32.82  ? 68  LYS A N   1 
ATOM   461 C CA  . LYS A 1 68 ? -1.119  -3.376  9.016   1.00 34.58  ? 68  LYS A CA  1 
ATOM   462 C C   . LYS A 1 68 ? -0.415  -3.408  10.376  1.00 36.21  ? 68  LYS A C   1 
ATOM   463 O O   . LYS A 1 68 ? -1.044  -3.144  11.408  1.00 36.52  ? 68  LYS A O   1 
ATOM   464 C CB  . LYS A 1 68 ? -1.427  -4.781  8.491   1.00 51.11  ? 68  LYS A CB  1 
ATOM   465 C CG  . LYS A 1 68 ? -2.217  -5.657  9.444   1.00 59.89  ? 68  LYS A CG  1 
ATOM   466 C CD  . LYS A 1 68 ? -2.696  -6.922  8.743   1.00 70.99  ? 68  LYS A CD  1 
ATOM   467 C CE  . LYS A 1 68 ? -3.451  -7.852  9.693   1.00 76.72  ? 68  LYS A CE  1 
ATOM   468 N NZ  . LYS A 1 68 ? -2.545  -8.600  10.609  1.00 69.10  ? 68  LYS A NZ  1 
ATOM   469 N N   . THR A 1 69 ? 0.887   -3.713  10.380  1.00 35.73  ? 69  THR A N   1 
ATOM   470 C CA  . THR A 1 69 ? 1.649   -3.768  11.625  1.00 34.89  ? 69  THR A CA  1 
ATOM   471 C C   . THR A 1 69 ? 1.814   -2.403  12.296  1.00 32.29  ? 69  THR A C   1 
ATOM   472 O O   . THR A 1 69 ? 1.761   -2.309  13.515  1.00 30.14  ? 69  THR A O   1 
ATOM   473 C CB  . THR A 1 69 ? 3.044   -4.437  11.469  1.00 29.59  ? 69  THR A CB  1 
ATOM   474 O OG1 . THR A 1 69 ? 3.594   -4.683  12.774  1.00 28.15  ? 69  THR A OG1 1 
ATOM   475 C CG2 . THR A 1 69 ? 3.997   -3.541  10.721  1.00 22.97  ? 69  THR A CG2 1 
ATOM   476 N N   . LEU A 1 70 ? 2.034   -1.360  11.501  1.00 34.68  ? 70  LEU A N   1 
ATOM   477 C CA  . LEU A 1 70 ? 2.167   -0.020  12.049  1.00 32.49  ? 70  LEU A CA  1 
ATOM   478 C C   . LEU A 1 70 ? 0.877   0.424   12.733  1.00 37.16  ? 70  LEU A C   1 
ATOM   479 O O   . LEU A 1 70 ? 0.909   1.163   13.723  1.00 35.79  ? 70  LEU A O   1 
ATOM   480 C CB  . LEU A 1 70 ? 2.587   0.988   10.980  1.00 19.77  ? 70  LEU A CB  1 
ATOM   481 C CG  . LEU A 1 70 ? 4.058   0.896   10.541  1.00 24.07  ? 70  LEU A CG  1 
ATOM   482 C CD1 . LEU A 1 70 ? 4.373   1.879   9.434   1.00 22.51  ? 70  LEU A CD1 1 
ATOM   483 C CD2 . LEU A 1 70 ? 5.022   1.115   11.709  1.00 21.33  ? 70  LEU A CD2 1 
ATOM   484 N N   . LEU A 1 71 ? -0.257  -0.031  12.213  1.00 38.14  ? 71  LEU A N   1 
ATOM   485 C CA  . LEU A 1 71 ? -1.538  0.293   12.818  1.00 39.64  ? 71  LEU A CA  1 
ATOM   486 C C   . LEU A 1 71 ? -1.689  -0.444  14.138  1.00 40.93  ? 71  LEU A C   1 
ATOM   487 O O   . LEU A 1 71 ? -2.073  0.144   15.144  1.00 43.16  ? 71  LEU A O   1 
ATOM   488 C CB  . LEU A 1 71 ? -2.687  -0.059  11.880  1.00 33.95  ? 71  LEU A CB  1 
ATOM   489 C CG  . LEU A 1 71 ? -2.894  0.897   10.709  1.00 36.34  ? 71  LEU A CG  1 
ATOM   490 C CD1 . LEU A 1 71 ? -3.879  0.302   9.726   1.00 36.47  ? 71  LEU A CD1 1 
ATOM   491 C CD2 . LEU A 1 71 ? -3.379  2.254   11.213  1.00 34.81  ? 71  LEU A CD2 1 
ATOM   492 N N   . GLU A 1 72 ? -1.381  -1.734  14.119  1.00 34.56  ? 72  GLU A N   1 
ATOM   493 C CA  . GLU A 1 72 ? -1.412  -2.556  15.313  1.00 37.90  ? 72  GLU A CA  1 
ATOM   494 C C   . GLU A 1 72 ? -0.552  -1.975  16.437  1.00 37.05  ? 72  GLU A C   1 
ATOM   495 O O   . GLU A 1 72 ? -0.915  -2.070  17.600  1.00 39.16  ? 72  GLU A O   1 
ATOM   496 C CB  . GLU A 1 72 ? -0.959  -3.983  14.993  1.00 54.99  ? 72  GLU A CB  1 
ATOM   497 C CG  . GLU A 1 72 ? -2.068  -4.870  14.470  1.00 64.60  ? 72  GLU A CG  1 
ATOM   498 C CD  . GLU A 1 72 ? -1.548  -6.063  13.686  1.00 73.50  ? 72  GLU A CD  1 
ATOM   499 O OE1 . GLU A 1 72 ? -2.381  -6.826  13.150  1.00 72.64  ? 72  GLU A OE1 1 
ATOM   500 O OE2 . GLU A 1 72 ? -0.308  -6.235  13.600  1.00 76.21  ? 72  GLU A OE2 1 
ATOM   501 N N   . ASN A 1 73 ? 0.587   -1.386  16.095  1.00 38.72  ? 73  ASN A N   1 
ATOM   502 C CA  . ASN A 1 73 ? 1.504   -0.900  17.121  1.00 37.79  ? 73  ASN A CA  1 
ATOM   503 C C   . ASN A 1 73 ? 1.376   0.595   17.432  1.00 36.80  ? 73  ASN A C   1 
ATOM   504 O O   . ASN A 1 73 ? 2.288   1.200   17.988  1.00 38.36  ? 73  ASN A O   1 
ATOM   505 C CB  . ASN A 1 73 ? 2.952   -1.279  16.776  1.00 29.94  ? 73  ASN A CB  1 
ATOM   506 C CG  . ASN A 1 73 ? 3.194   -2.781  16.872  1.00 35.77  ? 73  ASN A CG  1 
ATOM   507 O OD1 . ASN A 1 73 ? 3.359   -3.327  17.968  1.00 32.41  ? 73  ASN A OD1 1 
ATOM   508 N ND2 . ASN A 1 73 ? 3.212   -3.456  15.726  1.00 30.70  ? 73  ASN A ND2 1 
ATOM   509 N N   . GLY A 1 74 ? 0.251   1.192   17.050  1.00 33.32  ? 74  GLY A N   1 
ATOM   510 C CA  . GLY A 1 74 ? -0.104  2.518   17.527  1.00 29.33  ? 74  GLY A CA  1 
ATOM   511 C C   . GLY A 1 74 ? 0.175   3.709   16.641  1.00 39.62  ? 74  GLY A C   1 
ATOM   512 O O   . GLY A 1 74 ? -0.038  4.840   17.076  1.00 39.61  ? 74  GLY A O   1 
ATOM   513 N N   . SER A 1 75 ? 0.639   3.482   15.409  1.00 29.38  ? 75  SER A N   1 
ATOM   514 C CA  . SER A 1 75 ? 0.880   4.589   14.491  1.00 31.40  ? 75  SER A CA  1 
ATOM   515 C C   . SER A 1 75 ? -0.447  5.236   14.107  1.00 31.18  ? 75  SER A C   1 
ATOM   516 O O   . SER A 1 75 ? -1.436  4.544   13.899  1.00 34.72  ? 75  SER A O   1 
ATOM   517 C CB  . SER A 1 75 ? 1.604   4.111   13.217  1.00 31.41  ? 75  SER A CB  1 
ATOM   518 O OG  . SER A 1 75 ? 2.817   3.438   13.519  1.00 33.31  ? 75  SER A OG  1 
ATOM   519 N N   . ALA A 1 76 ? -0.469  6.561   14.005  1.00 34.73  ? 76  ALA A N   1 
ATOM   520 C CA  . ALA A 1 76 ? -1.662  7.248   13.514  1.00 34.70  ? 76  ALA A CA  1 
ATOM   521 C C   . ALA A 1 76 ? -1.792  7.008   12.014  1.00 37.80  ? 76  ALA A C   1 
ATOM   522 O O   . ALA A 1 76 ? -0.819  7.143   11.263  1.00 30.95  ? 76  ALA A O   1 
ATOM   523 C CB  . ALA A 1 76 ? -1.598  8.732   13.809  1.00 32.95  ? 76  ALA A CB  1 
ATOM   524 N N   . PRO A 1 77 ? -3.001  6.654   11.567  1.00 40.82  ? 77  PRO A N   1 
ATOM   525 C CA  . PRO A 1 77 ? -3.147  6.292   10.156  1.00 37.89  ? 77  PRO A CA  1 
ATOM   526 C C   . PRO A 1 77 ? -2.639  7.363   9.181   1.00 40.05  ? 77  PRO A C   1 
ATOM   527 O O   . PRO A 1 77 ? -2.195  7.008   8.101   1.00 40.87  ? 77  PRO A O   1 
ATOM   528 C CB  . PRO A 1 77 ? -4.646  6.056   10.016  1.00 31.44  ? 77  PRO A CB  1 
ATOM   529 C CG  . PRO A 1 77 ? -5.080  5.612   11.439  1.00 30.89  ? 77  PRO A CG  1 
ATOM   530 C CD  . PRO A 1 77 ? -4.254  6.484   12.331  1.00 29.28  ? 77  PRO A CD  1 
ATOM   531 N N   . GLU A 1 78 ? -2.671  8.637   9.550   1.00 45.06  ? 78  GLU A N   1 
ATOM   532 C CA  . GLU A 1 78 ? -2.215  9.676   8.632   1.00 48.13  ? 78  GLU A CA  1 
ATOM   533 C C   . GLU A 1 78 ? -0.725  9.954   8.730   1.00 49.04  ? 78  GLU A C   1 
ATOM   534 O O   . GLU A 1 78 ? -0.210  10.850  8.058   1.00 51.75  ? 78  GLU A O   1 
ATOM   535 C CB  . GLU A 1 78 ? -2.976  10.985  8.837   1.00 63.72  ? 78  GLU A CB  1 
ATOM   536 C CG  . GLU A 1 78 ? -4.054  10.925  9.876   1.00 63.84  ? 78  GLU A CG  1 
ATOM   537 C CD  . GLU A 1 78 ? -3.508  10.962  11.274  1.00 62.48  ? 78  GLU A CD  1 
ATOM   538 O OE1 . GLU A 1 78 ? -3.912  10.105  12.084  1.00 60.20  ? 78  GLU A OE1 1 
ATOM   539 O OE2 . GLU A 1 78 ? -2.682  11.852  11.563  1.00 68.78  ? 78  GLU A OE2 1 
ATOM   540 N N   . GLU A 1 79 ? -0.025  9.199   9.562   1.00 39.57  ? 79  GLU A N   1 
ATOM   541 C CA  . GLU A 1 79 ? 1.424   9.356   9.623   1.00 40.49  ? 79  GLU A CA  1 
ATOM   542 C C   . GLU A 1 79 ? 2.151   8.135   9.056   1.00 37.81  ? 79  GLU A C   1 
ATOM   543 O O   . GLU A 1 79 ? 3.367   8.156   8.861   1.00 34.77  ? 79  GLU A O   1 
ATOM   544 C CB  . GLU A 1 79 ? 1.871   9.684   11.050  1.00 58.93  ? 79  GLU A CB  1 
ATOM   545 C CG  . GLU A 1 79 ? 1.356   11.039  11.526  1.00 60.11  ? 79  GLU A CG  1 
ATOM   546 C CD  . GLU A 1 79 ? 1.750   11.366  12.958  1.00 71.20  ? 79  GLU A CD  1 
ATOM   547 O OE1 . GLU A 1 79 ? 2.278   10.469  13.656  1.00 72.96  ? 79  GLU A OE1 1 
ATOM   548 O OE2 . GLU A 1 79 ? 1.530   12.524  13.385  1.00 69.34  ? 79  GLU A OE2 1 
ATOM   549 N N   . ILE A 1 80 ? 1.386   7.087   8.761   1.00 30.86  ? 80  ILE A N   1 
ATOM   550 C CA  . ILE A 1 80 ? 1.953   5.834   8.305   1.00 28.86  ? 80  ILE A CA  1 
ATOM   551 C C   . ILE A 1 80 ? 2.790   5.950   7.031   1.00 28.51  ? 80  ILE A C   1 
ATOM   552 O O   . ILE A 1 80 ? 3.837   5.347   6.948   1.00 27.43  ? 80  ILE A O   1 
ATOM   553 C CB  . ILE A 1 80 ? 0.886   4.750   8.153   1.00 32.00  ? 80  ILE A CB  1 
ATOM   554 C CG1 . ILE A 1 80 ? 0.514   4.226   9.539   1.00 29.17  ? 80  ILE A CG1 1 
ATOM   555 C CG2 . ILE A 1 80 ? 1.419   3.612   7.284   1.00 28.26  ? 80  ILE A CG2 1 
ATOM   556 C CD1 . ILE A 1 80 ? -0.530  3.176   9.528   1.00 29.87  ? 80  ILE A CD1 1 
ATOM   557 N N   . CYS A 1 81 ? 2.347   6.736   6.054   1.00 28.07  ? 81  CYS A N   1 
ATOM   558 C CA  . CYS A 1 81 ? 3.067   6.836   4.784   1.00 30.98  ? 81  CYS A CA  1 
ATOM   559 C C   . CYS A 1 81 ? 4.298   7.739   4.899   1.00 32.69  ? 81  CYS A C   1 
ATOM   560 O O   . CYS A 1 81 ? 5.276   7.578   4.169   1.00 33.59  ? 81  CYS A O   1 
ATOM   561 C CB  . CYS A 1 81 ? 2.124   7.303   3.664   1.00 35.91  ? 81  CYS A CB  1 
ATOM   562 S SG  . CYS A 1 81 ? 0.893   6.030   3.182   1.00 38.87  ? 81  CYS A SG  1 
ATOM   563 N N   . THR A 1 82 ? 4.245   8.687   5.826   1.00 29.28  ? 82  THR A N   1 
ATOM   564 C CA  . THR A 1 82 ? 5.428   9.445   6.225   1.00 36.62  ? 82  THR A CA  1 
ATOM   565 C C   . THR A 1 82 ? 6.487   8.539   6.874   1.00 32.72  ? 82  THR A C   1 
ATOM   566 O O   . THR A 1 82 ? 7.656   8.576   6.509   1.00 30.85  ? 82  THR A O   1 
ATOM   567 C CB  . THR A 1 82 ? 5.060   10.563  7.203   1.00 44.53  ? 82  THR A CB  1 
ATOM   568 O OG1 . THR A 1 82 ? 3.999   11.346  6.638   1.00 50.22  ? 82  THR A OG1 1 
ATOM   569 C CG2 . THR A 1 82 ? 6.256   11.453  7.454   1.00 39.92  ? 82  THR A CG2 1 
ATOM   570 N N   . THR A 1 83 ? 6.069   7.710   7.819   1.00 35.24  ? 83  THR A N   1 
ATOM   571 C CA  . THR A 1 83 ? 6.986   6.767   8.450   1.00 37.08  ? 83  THR A CA  1 
ATOM   572 C C   . THR A 1 83 ? 7.664   5.880   7.402   1.00 36.96  ? 83  THR A C   1 
ATOM   573 O O   . THR A 1 83 ? 8.878   5.715   7.396   1.00 36.83  ? 83  THR A O   1 
ATOM   574 C CB  . THR A 1 83 ? 6.250   5.852   9.441   1.00 27.06  ? 83  THR A CB  1 
ATOM   575 O OG1 . THR A 1 83 ? 5.719   6.638   10.510  1.00 33.14  ? 83  THR A OG1 1 
ATOM   576 C CG2 . THR A 1 83 ? 7.198   4.805   10.006  1.00 25.87  ? 83  THR A CG2 1 
ATOM   577 N N   . LEU A 1 84 ? 6.861   5.294   6.526   1.00 27.53  ? 84  LEU A N   1 
ATOM   578 C CA  . LEU A 1 84 ? 7.379   4.390   5.498   1.00 33.03  ? 84  LEU A CA  1 
ATOM   579 C C   . LEU A 1 84 ? 8.194   5.068   4.388   1.00 35.47  ? 84  LEU A C   1 
ATOM   580 O O   . LEU A 1 84 ? 9.249   4.570   3.998   1.00 36.71  ? 84  LEU A O   1 
ATOM   581 C CB  . LEU A 1 84 ? 6.223   3.627   4.866   1.00 27.60  ? 84  LEU A CB  1 
ATOM   582 C CG  . LEU A 1 84 ? 5.489   2.641   5.758   1.00 30.93  ? 84  LEU A CG  1 
ATOM   583 C CD1 . LEU A 1 84 ? 4.385   1.953   4.936   1.00 29.90  ? 84  LEU A CD1 1 
ATOM   584 C CD2 . LEU A 1 84 ? 6.471   1.612   6.361   1.00 26.82  ? 84  LEU A CD2 1 
ATOM   585 N N   . HIS A 1 85 ? 7.703   6.195   3.875   1.00 39.55  ? 85  HIS A N   1 
ATOM   586 C CA  . HIS A 1 85 ? 8.235   6.753   2.630   1.00 43.36  ? 85  HIS A CA  1 
ATOM   587 C C   . HIS A 1 85 ? 8.542   8.238   2.665   1.00 42.94  ? 85  HIS A C   1 
ATOM   588 O O   . HIS A 1 85 ? 8.844   8.823   1.624   1.00 44.24  ? 85  HIS A O   1 
ATOM   589 C CB  . HIS A 1 85 ? 7.262   6.492   1.476   1.00 31.87  ? 85  HIS A CB  1 
ATOM   590 C CG  . HIS A 1 85 ? 6.956   5.048   1.274   1.00 27.88  ? 85  HIS A CG  1 
ATOM   591 N ND1 . HIS A 1 85 ? 7.914   4.134   0.899   1.00 31.52  ? 85  HIS A ND1 1 
ATOM   592 C CD2 . HIS A 1 85 ? 5.801   4.355   1.405   1.00 29.53  ? 85  HIS A CD2 1 
ATOM   593 C CE1 . HIS A 1 85 ? 7.366   2.936   0.808   1.00 34.32  ? 85  HIS A CE1 1 
ATOM   594 N NE2 . HIS A 1 85 ? 6.082   3.044   1.108   1.00 32.41  ? 85  HIS A NE2 1 
ATOM   595 N N   . ALA A 1 86 ? 8.446   8.842   3.844   1.00 39.28  ? 86  ALA A N   1 
ATOM   596 C CA  . ALA A 1 86 ? 8.772   10.258  4.003   1.00 45.90  ? 86  ALA A CA  1 
ATOM   597 C C   . ALA A 1 86 ? 7.799   11.160  3.242   1.00 47.87  ? 86  ALA A C   1 
ATOM   598 O O   . ALA A 1 86 ? 8.135   12.291  2.896   1.00 51.43  ? 86  ALA A O   1 
ATOM   599 C CB  . ALA A 1 86 ? 10.208  10.524  3.554   1.00 42.32  ? 86  ALA A CB  1 
ATOM   600 N N   . CYS A 1 87 ? 6.599   10.650  2.981   1.00 47.24  ? 87  CYS A N   1 
ATOM   601 C CA  . CYS A 1 87 ? 5.559   11.426  2.317   1.00 52.91  ? 87  CYS A CA  1 
ATOM   602 C C   . CYS A 1 87 ? 5.232   12.687  3.099   1.00 53.14  ? 87  CYS A C   1 
ATOM   603 O O   . CYS A 1 87 ? 5.340   12.726  4.325   1.00 57.15  ? 87  CYS A O   1 
ATOM   604 C CB  . CYS A 1 87 ? 4.288   10.591  2.146   1.00 48.56  ? 87  CYS A CB  1 
ATOM   605 S SG  . CYS A 1 87 ? 4.580   8.991   1.361   1.00 54.75  ? 87  CYS A SG  1 
ATOM   606 O OXT . CYS A 1 87 ? 4.847   13.698  2.513   1.00 61.36  ? 87  CYS A OXT 1 
HETATM 607 C C1  . CIT B 2 .  ? 9.738   -0.130  3.820   0.50 46.49  ? 100 CIT A C1  1 
HETATM 608 O O1  . CIT B 2 .  ? 9.537   -0.969  4.736   0.50 47.32  ? 100 CIT A O1  1 
HETATM 609 O O2  . CIT B 2 .  ? 8.761   0.391   3.216   0.50 45.31  ? 100 CIT A O2  1 
HETATM 610 C C2  . CIT B 2 .  ? 11.135  0.234   3.451   0.50 45.87  ? 100 CIT A C2  1 
HETATM 611 C C3  . CIT B 2 .  ? 11.483  1.680   3.410   0.50 48.51  ? 100 CIT A C3  1 
HETATM 612 O O7  . CIT B 2 .  ? 10.409  2.373   2.903   0.50 50.35  ? 100 CIT A O7  1 
HETATM 613 C C4  . CIT B 2 .  ? 12.676  1.906   2.544   0.50 50.10  ? 100 CIT A C4  1 
HETATM 614 C C5  . CIT B 2 .  ? 13.491  3.113   2.866   0.50 51.32  ? 100 CIT A C5  1 
HETATM 615 O O3  . CIT B 2 .  ? 13.178  4.221   2.363   0.50 51.97  ? 100 CIT A O3  1 
HETATM 616 O O4  . CIT B 2 .  ? 14.482  3.026   3.644   0.50 53.86  ? 100 CIT A O4  1 
HETATM 617 C C6  . CIT B 2 .  ? 11.809  2.196   4.772   0.50 47.57  ? 100 CIT A C6  1 
HETATM 618 O O5  . CIT B 2 .  ? 12.820  1.778   5.404   0.50 47.12  ? 100 CIT A O5  1 
HETATM 619 O O6  . CIT B 2 .  ? 11.067  3.071   5.282   0.50 47.45  ? 100 CIT A O6  1 
HETATM 620 N N1  . EPE C 3 .  ? 12.116  5.801   7.527   1.00 55.99  ? 101 EPE A N1  1 
HETATM 621 C C2  . EPE C 3 .  ? 11.601  5.742   8.864   1.00 52.21  ? 101 EPE A C2  1 
HETATM 622 C C3  . EPE C 3 .  ? 10.714  4.554   9.097   1.00 49.98  ? 101 EPE A C3  1 
HETATM 623 N N4  . EPE C 3 .  ? 10.990  3.435   8.256   1.00 46.38  ? 101 EPE A N4  1 
HETATM 624 C C5  . EPE C 3 .  ? 12.382  3.381   7.899   1.00 50.12  ? 101 EPE A C5  1 
HETATM 625 C C6  . EPE C 3 .  ? 12.914  4.640   7.272   1.00 51.84  ? 101 EPE A C6  1 
HETATM 626 C C7  . EPE C 3 .  ? 10.262  2.202   8.629   1.00 36.99  ? 101 EPE A C7  1 
HETATM 627 C C8  . EPE C 3 .  ? 10.804  0.895   8.195   1.00 38.22  ? 101 EPE A C8  1 
HETATM 628 O O8  . EPE C 3 .  ? 12.164  0.692   8.390   1.00 46.37  ? 101 EPE A O8  1 
HETATM 629 C C9  . EPE C 3 .  ? 12.544  7.136   7.080   1.00 58.42  ? 101 EPE A C9  1 
HETATM 630 C C10 . EPE C 3 .  ? 12.147  7.706   5.751   1.00 48.10  ? 101 EPE A C10 1 
HETATM 631 S S   . EPE C 3 .  ? 12.582  6.775   4.290   1.00 75.66  ? 101 EPE A S   1 
HETATM 632 O O1S . EPE C 3 .  ? 11.541  5.735   4.067   1.00 57.19  ? 101 EPE A O1S 1 
HETATM 633 O O2S . EPE C 3 .  ? 13.896  6.139   4.544   1.00 63.88  ? 101 EPE A O2S 1 
HETATM 634 O O3S . EPE C 3 .  ? 12.655  7.608   3.057   1.00 61.37  ? 101 EPE A O3S 1 
HETATM 635 O O   . HOH D 4 .  ? -8.181  11.075  1.467   1.00 50.64  ? 200 HOH A O   1 
HETATM 636 O O   . HOH D 4 .  ? -13.392 -3.027  0.152   1.00 64.15  ? 201 HOH A O   1 
HETATM 637 O O   . HOH D 4 .  ? -7.670  4.905   -3.401  1.00 47.42  ? 202 HOH A O   1 
HETATM 638 O O   . HOH D 4 .  ? 3.240   -3.535  -18.005 1.00 39.97  ? 203 HOH A O   1 
HETATM 639 O O   . HOH D 4 .  ? 5.054   5.065   13.524  1.00 39.10  ? 204 HOH A O   1 
HETATM 640 O O   . HOH D 4 .  ? 4.914   -11.122 -12.754 1.00 50.91  ? 205 HOH A O   1 
HETATM 641 O O   . HOH D 4 .  ? 1.656   -10.311 -4.135  1.00 41.99  ? 206 HOH A O   1 
HETATM 642 O O   . HOH D 4 .  ? 4.249   -11.933 -3.569  1.00 46.24  ? 207 HOH A O   1 
HETATM 643 O O   . HOH D 4 .  ? 1.145   -5.169  19.041  1.00 53.29  ? 208 HOH A O   1 
HETATM 644 O O   . HOH D 4 .  ? -3.776  5.173   16.776  1.00 51.50  ? 209 HOH A O   1 
HETATM 645 O O   . HOH D 4 .  ? -2.939  3.021   15.198  1.00 37.56  ? 210 HOH A O   1 
HETATM 646 O O   . HOH D 4 .  ? 0.073   -7.410  11.152  1.00 51.43  ? 211 HOH A O   1 
HETATM 647 O O   . HOH D 4 .  ? 1.387   -6.957  8.774   1.00 45.63  ? 212 HOH A O   1 
HETATM 648 O O   . HOH D 4 .  ? 2.446   7.967   14.370  1.00 40.83  ? 213 HOH A O   1 
HETATM 649 O O   . HOH D 4 .  ? 3.126   6.450   17.723  1.00 44.44  ? 214 HOH A O   1 
HETATM 650 O O   . HOH D 4 .  ? 2.928   4.370   18.882  1.00 38.85  ? 215 HOH A O   1 
HETATM 651 O O   . HOH D 4 .  ? -6.271  9.536   10.929  1.00 52.24  ? 216 HOH A O   1 
HETATM 652 O O   . HOH D 4 .  ? -3.373  11.899  14.014  1.00 57.27  ? 217 HOH A O   1 
HETATM 653 O O   . HOH D 4 .  ? 1.692   9.910   5.806   1.00 46.98  ? 218 HOH A O   1 
HETATM 654 O O   . HOH D 4 .  ? 10.943  7.116   -1.968  1.00 50.33  ? 219 HOH A O   1 
HETATM 655 O O   . HOH D 4 .  ? 1.763   6.706   -11.538 1.00 55.54  ? 220 HOH A O   1 
HETATM 656 O O   . HOH D 4 .  ? 5.633   -7.786  -14.859 1.00 37.18  ? 221 HOH A O   1 
HETATM 657 O O   . HOH D 4 .  ? 4.363   6.722   15.550  1.00 42.94  ? 222 HOH A O   1 
HETATM 658 O O   . HOH D 4 .  ? 11.092  8.850   -0.225  1.00 50.96  ? 223 HOH A O   1 
HETATM 659 O O   . HOH D 4 .  ? 13.233  6.872   -0.559  1.00 58.04  ? 224 HOH A O   1 
HETATM 660 O O   . HOH D 4 .  ? 6.927   -11.884 -10.546 1.00 38.16  ? 225 HOH A O   1 
HETATM 661 O O   . HOH D 4 .  ? -6.614  9.010   13.962  1.00 52.32  ? 226 HOH A O   1 
HETATM 662 O O   . HOH D 4 .  ? 9.837   13.138  -0.486  1.00 59.37  ? 227 HOH A O   1 
HETATM 663 O O   . HOH D 4 .  ? 14.909  10.889  -1.427  1.00 57.46  ? 228 HOH A O   1 
HETATM 664 O O   . HOH D 4 .  ? -1.553  -7.607  5.145   1.00 48.23  ? 229 HOH A O   1 
HETATM 665 O O   . HOH D 4 .  ? 18.170  6.644   -3.204  1.00 68.93  ? 230 HOH A O   1 
HETATM 666 O O   . HOH D 4 .  ? 19.240  5.872   -7.139  1.00 58.25  ? 231 HOH A O   1 
# 
